data_6MNZ
#
_entry.id   6MNZ
#
_cell.length_a   116.707
_cell.length_b   136.857
_cell.length_c   51.856
_cell.angle_alpha   90.000
_cell.angle_beta   98.527
_cell.angle_gamma   90.000
#
_symmetry.space_group_name_H-M   'C 1 2 1'
#
loop_
_entity.id
_entity.type
_entity.pdbx_description
1 polymer '3,4-dihydroxy-2-butanone 4-phosphate synthase'
2 non-polymer 'SULFATE ION'
3 non-polymer 'CHLORIDE ION'
4 water water
#
_entity_poly.entity_id   1
_entity_poly.type   'polypeptide(L)'
_entity_poly.pdbx_seq_one_letter_code
;MPLSRVEELVADIRAGKMVILMDDEDRENEGDLVIAATHVRPEDINFMITHARGLVCLTLSRERCKQLNLPLMVDQNGAQ
HGTNFTLSIEAAEGITTGISAAERAHTIQAAVAAHAKPTDIVQPGHIFPLMAQPGGVLHRAGHTEAGCDLARLAGLEPAS
VICEIIKEDGTMARRADLEIFAEKHGLKIGTIADLIHYRMTNEQTVERLDQRTIQTEYGSFELYRYREIGNPDIHLALVK
GEPKEGVTTVRVHGFSPVRDLLKLNKADGEPAWNLDRALQTIAASDRGVLVWIGQDHLQDLGPALDDLTKPKPVKSNAAL
SHQYQTIGVGAQILRDLGVEKMKLLSSPLRFNALSGFNLEVVEYVTADQITTK
;
_entity_poly.pdbx_strand_id   A,B
#
# COMPACT_ATOMS: atom_id res chain seq x y z
N SER A 4 11.49 -20.82 28.72
CA SER A 4 10.22 -20.17 28.44
C SER A 4 10.34 -18.65 28.59
N ARG A 5 11.54 -18.19 28.96
CA ARG A 5 11.74 -16.84 29.45
C ARG A 5 12.78 -16.13 28.59
N VAL A 6 12.45 -14.92 28.16
CA VAL A 6 13.15 -14.31 27.02
C VAL A 6 14.64 -14.21 27.31
N GLU A 7 15.01 -13.90 28.55
CA GLU A 7 16.40 -13.63 28.87
C GLU A 7 17.26 -14.89 28.74
N GLU A 8 16.68 -16.05 29.04
CA GLU A 8 17.39 -17.31 28.78
C GLU A 8 17.47 -17.58 27.28
N LEU A 9 16.38 -17.31 26.55
CA LEU A 9 16.41 -17.49 25.10
C LEU A 9 17.54 -16.69 24.47
N VAL A 10 17.74 -15.45 24.92
CA VAL A 10 18.87 -14.67 24.44
C VAL A 10 20.19 -15.31 24.86
N ALA A 11 20.22 -15.92 26.06
CA ALA A 11 21.48 -16.42 26.59
C ALA A 11 21.92 -17.69 25.87
N ASP A 12 20.96 -18.55 25.51
CA ASP A 12 21.29 -19.76 24.76
C ASP A 12 21.77 -19.43 23.37
N ILE A 13 21.19 -18.41 22.75
CA ILE A 13 21.67 -17.96 21.45
C ILE A 13 23.11 -17.46 21.55
N ARG A 14 23.40 -16.70 22.60
CA ARG A 14 24.78 -16.31 22.87
C ARG A 14 25.68 -17.54 23.03
N ALA A 15 25.17 -18.58 23.70
CA ALA A 15 25.95 -19.79 23.91
C ALA A 15 26.10 -20.65 22.66
N GLY A 16 25.36 -20.36 21.59
CA GLY A 16 25.43 -21.14 20.38
C GLY A 16 24.49 -22.33 20.32
N LYS A 17 23.58 -22.47 21.28
CA LYS A 17 22.59 -23.53 21.25
C LYS A 17 21.40 -23.10 20.40
N MET A 18 20.43 -24.01 20.25
CA MET A 18 19.19 -23.69 19.57
C MET A 18 18.12 -23.27 20.57
N VAL A 19 17.09 -22.61 20.06
CA VAL A 19 15.91 -22.27 20.83
C VAL A 19 14.70 -22.33 19.90
N ILE A 20 13.57 -22.74 20.44
CA ILE A 20 12.33 -22.82 19.68
C ILE A 20 11.55 -21.53 19.87
N LEU A 21 11.08 -20.95 18.76
CA LEU A 21 10.31 -19.71 18.78
C LEU A 21 8.98 -19.96 18.09
N MET A 22 7.89 -19.67 18.80
CA MET A 22 6.55 -19.73 18.22
C MET A 22 6.08 -18.32 17.89
N ASP A 23 5.38 -18.20 16.77
CA ASP A 23 4.65 -16.98 16.47
C ASP A 23 3.21 -17.10 16.99
N ASP A 24 2.44 -16.02 16.81
CA ASP A 24 1.09 -15.99 17.34
C ASP A 24 0.29 -17.17 16.83
N GLU A 25 -0.52 -17.75 17.73
CA GLU A 25 -1.27 -18.94 17.38
C GLU A 25 -2.16 -18.71 16.16
N ASP A 26 -2.47 -17.46 15.84
CA ASP A 26 -3.35 -17.15 14.72
C ASP A 26 -2.61 -16.59 13.51
N ARG A 27 -1.27 -16.55 13.52
CA ARG A 27 -0.56 -16.06 12.35
C ARG A 27 -0.02 -17.15 11.43
N GLU A 28 0.98 -17.87 11.91
CA GLU A 28 1.44 -19.12 11.32
C GLU A 28 1.25 -20.30 12.25
N ASN A 29 1.44 -20.09 13.56
CA ASN A 29 1.21 -21.12 14.57
C ASN A 29 2.19 -22.27 14.39
N GLU A 30 3.47 -21.93 14.29
CA GLU A 30 4.53 -22.89 14.06
C GLU A 30 5.66 -22.63 15.04
N GLY A 31 6.47 -23.67 15.27
CA GLY A 31 7.69 -23.56 16.04
C GLY A 31 8.90 -23.75 15.14
N ASP A 32 9.86 -22.85 15.30
CA ASP A 32 11.13 -22.91 14.58
C ASP A 32 12.26 -23.09 15.59
N LEU A 33 13.12 -24.08 15.34
CA LEU A 33 14.48 -24.00 15.84
C LEU A 33 15.15 -22.73 15.34
N VAL A 34 15.91 -22.09 16.21
CA VAL A 34 16.55 -20.81 15.93
C VAL A 34 17.93 -20.82 16.57
N ILE A 35 18.96 -20.60 15.77
CA ILE A 35 20.33 -20.54 16.24
C ILE A 35 21.01 -19.34 15.61
N ALA A 36 21.96 -18.76 16.35
CA ALA A 36 22.76 -17.66 15.80
C ALA A 36 23.53 -18.13 14.59
N ALA A 37 23.27 -17.51 13.43
CA ALA A 37 23.96 -17.89 12.20
C ALA A 37 25.47 -17.88 12.37
N THR A 38 25.98 -17.02 13.27
CA THR A 38 27.42 -16.93 13.47
C THR A 38 27.97 -18.16 14.17
N HIS A 39 27.17 -18.83 14.99
CA HIS A 39 27.60 -20.01 15.72
C HIS A 39 27.12 -21.31 15.09
N VAL A 40 26.56 -21.25 13.88
CA VAL A 40 25.98 -22.45 13.28
C VAL A 40 27.09 -23.37 12.80
N ARG A 41 26.90 -24.66 13.02
CA ARG A 41 27.90 -25.68 12.75
C ARG A 41 27.27 -26.82 11.95
N PRO A 42 28.07 -27.57 11.19
CA PRO A 42 27.52 -28.69 10.41
C PRO A 42 26.49 -29.49 11.18
N GLU A 43 26.82 -29.92 12.40
CA GLU A 43 25.90 -30.76 13.16
C GLU A 43 24.64 -30.00 13.57
N ASP A 44 24.66 -28.67 13.54
CA ASP A 44 23.46 -27.91 13.82
C ASP A 44 22.47 -27.97 12.65
N ILE A 45 22.97 -27.81 11.42
CA ILE A 45 22.13 -27.97 10.25
C ILE A 45 21.57 -29.39 10.19
N ASN A 46 22.39 -30.39 10.55
CA ASN A 46 21.95 -31.77 10.45
C ASN A 46 20.85 -32.07 11.46
N PHE A 47 20.97 -31.55 12.68
CA PHE A 47 19.88 -31.67 13.64
C PHE A 47 18.60 -31.04 13.10
N MET A 48 18.73 -29.94 12.35
CA MET A 48 17.56 -29.24 11.85
C MET A 48 16.83 -30.08 10.80
N ILE A 49 17.56 -30.56 9.79
CA ILE A 49 16.94 -31.33 8.73
C ILE A 49 16.46 -32.70 9.19
N THR A 50 16.86 -33.11 10.39
CA THR A 50 16.53 -34.45 10.90
C THR A 50 15.32 -34.44 11.81
N HIS A 51 15.33 -33.59 12.84
CA HIS A 51 14.30 -33.61 13.87
C HIS A 51 13.35 -32.43 13.80
N ALA A 52 13.55 -31.51 12.87
CA ALA A 52 12.56 -30.49 12.54
C ALA A 52 12.03 -30.64 11.11
N ARG A 53 12.92 -30.80 10.13
CA ARG A 53 12.55 -31.24 8.79
C ARG A 53 11.68 -30.21 8.07
N GLY A 54 11.75 -28.94 8.48
CA GLY A 54 11.33 -27.84 7.65
C GLY A 54 12.43 -27.31 6.74
N LEU A 55 12.16 -26.15 6.17
CA LEU A 55 13.16 -25.43 5.39
C LEU A 55 14.16 -24.77 6.32
N VAL A 56 15.44 -25.09 6.15
CA VAL A 56 16.51 -24.35 6.79
C VAL A 56 16.66 -23.00 6.09
N CYS A 57 16.55 -21.92 6.85
CA CYS A 57 16.61 -20.57 6.32
C CYS A 57 17.56 -19.74 7.18
N LEU A 58 18.03 -18.63 6.60
CA LEU A 58 19.07 -17.80 7.20
C LEU A 58 18.56 -16.36 7.24
N THR A 59 18.09 -15.93 8.41
CA THR A 59 17.56 -14.59 8.54
C THR A 59 18.68 -13.56 8.49
N LEU A 60 18.53 -12.57 7.62
CA LEU A 60 19.49 -11.48 7.47
C LEU A 60 18.80 -10.14 7.68
N SER A 61 19.60 -9.16 8.07
CA SER A 61 19.18 -7.77 8.03
C SER A 61 19.24 -7.22 6.61
N ARG A 62 18.50 -6.13 6.39
CA ARG A 62 18.54 -5.43 5.11
C ARG A 62 19.91 -4.85 4.84
N GLU A 63 20.56 -4.30 5.88
CA GLU A 63 21.95 -3.89 5.75
C GLU A 63 22.81 -5.05 5.25
N ARG A 64 22.68 -6.21 5.88
CA ARG A 64 23.47 -7.35 5.49
C ARG A 64 23.14 -7.81 4.07
N CYS A 65 21.87 -7.68 3.66
CA CYS A 65 21.49 -8.03 2.30
C CYS A 65 22.08 -7.07 1.28
N LYS A 66 22.03 -5.76 1.57
CA LYS A 66 22.62 -4.78 0.68
C LYS A 66 24.13 -4.97 0.58
N GLN A 67 24.80 -5.19 1.72
CA GLN A 67 26.21 -5.56 1.70
C GLN A 67 26.45 -6.77 0.82
N LEU A 68 25.52 -7.73 0.81
CA LEU A 68 25.64 -8.90 -0.03
C LEU A 68 25.12 -8.69 -1.45
N ASN A 69 24.58 -7.52 -1.76
CA ASN A 69 23.97 -7.26 -3.06
C ASN A 69 22.91 -8.31 -3.40
N LEU A 70 22.04 -8.57 -2.43
CA LEU A 70 21.22 -9.78 -2.42
C LEU A 70 19.75 -9.39 -2.26
N PRO A 71 18.95 -9.41 -3.34
CA PRO A 71 17.60 -8.86 -3.26
C PRO A 71 16.54 -9.90 -2.97
N LEU A 72 15.30 -9.44 -2.79
CA LEU A 72 14.15 -10.32 -2.78
C LEU A 72 13.95 -10.96 -4.14
N MET A 73 13.65 -12.27 -4.14
CA MET A 73 13.53 -13.00 -5.39
C MET A 73 12.19 -12.74 -6.09
N VAL A 74 11.13 -12.45 -5.34
CA VAL A 74 9.90 -11.93 -5.91
C VAL A 74 9.51 -10.65 -5.18
N ASP A 75 9.07 -9.64 -5.94
CA ASP A 75 8.74 -8.33 -5.38
C ASP A 75 7.24 -8.11 -5.23
N GLN A 76 6.50 -8.15 -6.33
CA GLN A 76 5.05 -8.26 -6.29
C GLN A 76 4.65 -9.62 -6.84
N ASN A 77 3.75 -10.30 -6.13
CA ASN A 77 3.13 -11.53 -6.63
C ASN A 77 1.63 -11.38 -6.80
N GLY A 78 0.91 -11.11 -5.71
CA GLY A 78 -0.53 -11.15 -5.71
C GLY A 78 -1.13 -10.18 -4.71
N ALA A 79 -0.30 -9.25 -4.26
CA ALA A 79 -0.66 -8.38 -3.15
C ALA A 79 -0.78 -9.17 -1.86
N GLY A 82 0.83 -15.93 1.00
CA GLY A 82 1.23 -15.43 2.31
C GLY A 82 2.16 -14.25 2.22
N THR A 83 2.51 -13.69 3.38
CA THR A 83 3.50 -12.63 3.47
C THR A 83 4.80 -13.23 3.99
N ASN A 84 5.82 -13.31 3.12
CA ASN A 84 7.09 -13.87 3.51
C ASN A 84 8.17 -13.39 2.54
N PHE A 85 9.28 -12.90 3.10
CA PHE A 85 10.36 -12.30 2.31
C PHE A 85 11.48 -13.33 2.18
N THR A 86 11.31 -14.25 1.24
CA THR A 86 12.40 -15.06 0.75
C THR A 86 13.30 -14.28 -0.20
N LEU A 87 14.52 -14.76 -0.35
CA LEU A 87 15.53 -14.13 -1.20
C LEU A 87 15.87 -15.04 -2.37
N SER A 88 16.65 -14.49 -3.30
CA SER A 88 17.48 -15.32 -4.16
C SER A 88 18.32 -16.27 -3.33
N ILE A 89 18.38 -17.53 -3.77
CA ILE A 89 18.98 -18.58 -2.97
C ILE A 89 20.49 -18.37 -2.88
N GLU A 90 21.09 -18.88 -1.81
CA GLU A 90 22.44 -18.53 -1.41
C GLU A 90 23.32 -19.76 -1.51
N ALA A 91 24.52 -19.57 -2.05
CA ALA A 91 25.56 -20.59 -2.00
C ALA A 91 26.92 -19.92 -1.85
N ALA A 92 27.82 -20.60 -1.14
CA ALA A 92 29.19 -20.14 -0.99
C ALA A 92 30.06 -20.77 -2.08
N GLU A 93 31.38 -20.64 -1.91
CA GLU A 93 32.37 -21.16 -2.85
C GLU A 93 33.49 -21.87 -2.09
N GLY A 94 33.11 -22.75 -1.16
CA GLY A 94 33.84 -23.97 -0.94
C GLY A 94 32.96 -25.20 -1.11
N ILE A 95 32.02 -25.13 -2.04
CA ILE A 95 30.89 -26.04 -2.10
C ILE A 95 30.99 -26.85 -3.39
N THR A 96 30.55 -28.11 -3.33
CA THR A 96 30.32 -28.88 -4.54
C THR A 96 28.85 -28.83 -4.97
N THR A 97 27.96 -29.37 -4.14
CA THR A 97 26.54 -29.31 -4.40
C THR A 97 25.81 -28.34 -3.47
N GLY A 98 26.28 -28.19 -2.24
CA GLY A 98 25.73 -27.23 -1.31
C GLY A 98 24.56 -27.73 -0.50
N ILE A 99 24.18 -29.00 -0.65
CA ILE A 99 23.06 -29.57 0.11
C ILE A 99 23.53 -30.35 1.33
N SER A 100 24.81 -30.67 1.43
CA SER A 100 25.33 -31.36 2.60
C SER A 100 25.19 -30.46 3.84
N ALA A 101 25.12 -31.11 5.00
CA ALA A 101 24.97 -30.36 6.24
C ALA A 101 26.12 -29.40 6.45
N ALA A 102 27.36 -29.88 6.25
CA ALA A 102 28.52 -29.01 6.37
C ALA A 102 28.47 -27.88 5.35
N GLU A 103 28.19 -28.23 4.09
CA GLU A 103 28.28 -27.25 3.01
C GLU A 103 27.24 -26.14 3.19
N ARG A 104 26.02 -26.50 3.61
CA ARG A 104 25.03 -25.49 3.97
C ARG A 104 25.53 -24.61 5.11
N ALA A 105 25.96 -25.24 6.21
CA ALA A 105 26.61 -24.50 7.28
C ALA A 105 27.70 -23.58 6.73
N HIS A 106 28.56 -24.13 5.87
CA HIS A 106 29.63 -23.33 5.28
C HIS A 106 29.07 -22.17 4.47
N THR A 107 27.98 -22.39 3.75
CA THR A 107 27.36 -21.30 3.01
C THR A 107 26.92 -20.18 3.94
N ILE A 108 26.26 -20.54 5.05
CA ILE A 108 25.79 -19.53 5.99
C ILE A 108 26.96 -18.68 6.48
N GLN A 109 28.07 -19.33 6.85
CA GLN A 109 29.21 -18.61 7.38
C GLN A 109 29.66 -17.52 6.42
N ALA A 110 29.71 -17.83 5.12
CA ALA A 110 30.13 -16.84 4.13
C ALA A 110 29.20 -15.64 4.13
N ALA A 111 27.90 -15.87 4.29
CA ALA A 111 26.95 -14.77 4.26
C ALA A 111 27.10 -13.87 5.48
N VAL A 112 27.35 -14.45 6.66
CA VAL A 112 27.33 -13.71 7.91
C VAL A 112 28.72 -13.42 8.43
N ALA A 113 29.76 -13.79 7.69
CA ALA A 113 31.10 -13.28 7.97
C ALA A 113 31.07 -11.75 8.08
N ALA A 114 31.91 -11.22 8.98
CA ALA A 114 31.78 -9.82 9.36
C ALA A 114 31.85 -8.91 8.15
N HIS A 115 32.91 -9.04 7.34
CA HIS A 115 33.17 -8.15 6.22
C HIS A 115 32.89 -8.85 4.88
N ALA A 116 31.87 -9.70 4.86
CA ALA A 116 31.58 -10.49 3.68
C ALA A 116 31.31 -9.60 2.47
N LYS A 117 31.69 -10.10 1.30
CA LYS A 117 31.43 -9.44 0.03
C LYS A 117 30.34 -10.17 -0.74
N PRO A 118 29.81 -9.55 -1.79
CA PRO A 118 28.91 -10.29 -2.70
C PRO A 118 29.59 -11.43 -3.41
N THR A 119 30.89 -11.30 -3.70
CA THR A 119 31.64 -12.36 -4.37
C THR A 119 32.04 -13.49 -3.43
N ASP A 120 31.86 -13.32 -2.12
CA ASP A 120 31.90 -14.45 -1.20
C ASP A 120 30.74 -15.42 -1.41
N ILE A 121 29.79 -15.11 -2.30
CA ILE A 121 28.49 -15.74 -2.30
C ILE A 121 27.92 -15.69 -3.71
N VAL A 122 27.03 -16.63 -4.02
CA VAL A 122 26.47 -16.78 -5.35
C VAL A 122 25.01 -17.19 -5.23
N GLN A 123 24.29 -17.09 -6.35
CA GLN A 123 22.88 -17.47 -6.45
C GLN A 123 22.68 -18.21 -7.77
N PRO A 124 21.81 -19.23 -7.80
CA PRO A 124 21.04 -19.78 -6.66
C PRO A 124 21.88 -20.74 -5.85
N GLY A 125 21.24 -21.44 -4.90
CA GLY A 125 21.96 -22.33 -4.03
C GLY A 125 21.07 -23.32 -3.31
N HIS A 126 21.37 -23.55 -2.03
CA HIS A 126 20.54 -24.42 -1.19
C HIS A 126 20.37 -23.86 0.22
N ILE A 127 20.82 -22.64 0.48
CA ILE A 127 20.44 -21.90 1.67
C ILE A 127 19.51 -20.76 1.25
N PHE A 128 18.51 -20.47 2.08
CA PHE A 128 17.37 -19.65 1.70
C PHE A 128 17.31 -18.46 2.64
N PRO A 129 18.03 -17.37 2.35
CA PRO A 129 18.05 -16.24 3.28
C PRO A 129 16.72 -15.51 3.27
N LEU A 130 16.42 -14.88 4.41
CA LEU A 130 15.18 -14.13 4.59
C LEU A 130 15.52 -12.74 5.10
N MET A 131 14.94 -11.73 4.47
CA MET A 131 15.22 -10.34 4.78
C MET A 131 14.20 -9.85 5.79
N ALA A 132 14.64 -9.60 7.02
CA ALA A 132 13.78 -8.98 8.02
C ALA A 132 13.52 -7.53 7.68
N GLN A 133 12.41 -7.01 8.19
CA GLN A 133 12.08 -5.60 8.05
C GLN A 133 12.89 -4.77 9.04
N PRO A 134 13.09 -3.48 8.72
CA PRO A 134 14.11 -2.70 9.46
C PRO A 134 13.95 -2.77 10.97
N GLY A 135 12.76 -2.46 11.49
CA GLY A 135 12.57 -2.42 12.91
C GLY A 135 12.46 -3.76 13.59
N GLY A 136 12.60 -4.85 12.82
CA GLY A 136 12.57 -6.16 13.43
C GLY A 136 11.18 -6.52 13.90
N VAL A 137 11.13 -7.17 15.06
CA VAL A 137 9.90 -7.75 15.60
C VAL A 137 8.99 -6.63 16.10
N LEU A 138 9.42 -5.38 15.97
CA LEU A 138 8.57 -4.26 16.34
C LEU A 138 7.33 -4.17 15.45
N HIS A 139 7.47 -4.55 14.18
CA HIS A 139 6.44 -4.27 13.19
C HIS A 139 5.89 -5.55 12.56
N ARG A 140 6.73 -6.40 12.01
CA ARG A 140 6.34 -7.74 11.59
C ARG A 140 6.74 -8.75 12.66
N ALA A 141 5.77 -9.49 13.17
CA ALA A 141 6.02 -10.50 14.19
C ALA A 141 6.20 -11.87 13.58
N GLY A 142 7.15 -11.99 12.65
CA GLY A 142 7.50 -13.25 12.04
C GLY A 142 8.75 -13.87 12.65
N HIS A 143 8.94 -15.16 12.38
CA HIS A 143 10.17 -15.82 12.79
C HIS A 143 11.39 -15.17 12.16
N THR A 144 11.25 -14.61 10.96
CA THR A 144 12.37 -13.95 10.30
C THR A 144 12.90 -12.80 11.15
N GLU A 145 12.03 -11.83 11.46
CA GLU A 145 12.43 -10.74 12.33
C GLU A 145 12.83 -11.24 13.71
N ALA A 146 12.22 -12.33 14.17
CA ALA A 146 12.49 -12.82 15.52
C ALA A 146 13.87 -13.45 15.61
N GLY A 147 14.27 -14.20 14.58
CA GLY A 147 15.60 -14.77 14.57
C GLY A 147 16.69 -13.71 14.60
N CYS A 148 16.50 -12.63 13.82
CA CYS A 148 17.50 -11.56 13.80
C CYS A 148 17.55 -10.85 15.13
N ASP A 149 16.40 -10.34 15.61
CA ASP A 149 16.39 -9.55 16.84
C ASP A 149 16.90 -10.37 18.02
N LEU A 150 16.61 -11.68 18.03
CA LEU A 150 17.12 -12.53 19.08
C LEU A 150 18.64 -12.61 19.02
N ALA A 151 19.19 -12.87 17.84
CA ALA A 151 20.64 -12.91 17.69
C ALA A 151 21.26 -11.56 18.04
N ARG A 152 20.59 -10.47 17.70
CA ARG A 152 21.08 -9.14 18.06
C ARG A 152 21.18 -8.98 19.57
N LEU A 153 20.21 -9.51 20.31
CA LEU A 153 20.20 -9.33 21.76
C LEU A 153 21.30 -10.12 22.44
N ALA A 154 21.78 -11.19 21.82
CA ALA A 154 23.01 -11.85 22.24
C ALA A 154 24.26 -11.10 21.81
N GLY A 155 24.11 -9.87 21.28
CA GLY A 155 25.25 -9.09 20.88
C GLY A 155 25.97 -9.62 19.67
N LEU A 156 25.34 -10.51 18.91
CA LEU A 156 25.94 -11.10 17.72
C LEU A 156 25.38 -10.43 16.47
N GLU A 157 25.97 -10.80 15.33
CA GLU A 157 25.44 -10.39 14.05
C GLU A 157 23.93 -10.67 14.01
N PRO A 158 23.10 -9.73 13.55
CA PRO A 158 21.65 -9.97 13.58
C PRO A 158 21.24 -11.04 12.59
N ALA A 159 21.78 -12.23 12.76
CA ALA A 159 21.62 -13.31 11.79
C ALA A 159 21.37 -14.62 12.54
N SER A 160 20.34 -15.34 12.11
CA SER A 160 19.99 -16.62 12.73
C SER A 160 19.62 -17.62 11.64
N VAL A 161 19.71 -18.90 11.99
CA VAL A 161 19.27 -19.99 11.13
C VAL A 161 18.03 -20.61 11.76
N ILE A 162 16.96 -20.72 10.97
CA ILE A 162 15.67 -21.15 11.49
C ILE A 162 15.09 -22.23 10.58
N CYS A 163 14.32 -23.13 11.20
CA CYS A 163 13.77 -24.29 10.51
C CYS A 163 12.45 -24.67 11.17
N GLU A 164 11.42 -24.87 10.36
CA GLU A 164 10.12 -25.25 10.89
C GLU A 164 10.17 -26.64 11.52
N ILE A 165 9.43 -26.81 12.61
CA ILE A 165 9.37 -28.08 13.34
C ILE A 165 8.10 -28.80 12.91
N ILE A 166 8.26 -29.87 12.13
CA ILE A 166 7.14 -30.64 11.58
C ILE A 166 7.05 -31.96 12.34
N LYS A 167 5.85 -32.29 12.79
CA LYS A 167 5.65 -33.53 13.53
C LYS A 167 6.10 -34.73 12.71
N GLU A 168 6.51 -35.79 13.41
CA GLU A 168 6.58 -37.11 12.78
C GLU A 168 5.33 -37.42 11.97
N ASP A 169 4.17 -37.03 12.50
CA ASP A 169 2.91 -37.21 11.79
C ASP A 169 2.93 -36.61 10.39
N GLY A 170 3.82 -35.65 10.14
CA GLY A 170 3.86 -34.95 8.88
C GLY A 170 3.13 -33.63 8.86
N THR A 171 2.37 -33.31 9.90
CA THR A 171 1.74 -32.02 10.06
C THR A 171 2.58 -31.14 10.97
N MET A 172 2.17 -29.87 11.08
CA MET A 172 2.98 -28.86 11.75
C MET A 172 2.82 -28.99 13.26
N ALA A 173 3.95 -29.10 13.95
CA ALA A 173 3.95 -29.11 15.40
C ALA A 173 3.35 -27.82 15.95
N ARG A 174 2.32 -27.96 16.79
CA ARG A 174 1.73 -26.84 17.50
C ARG A 174 2.29 -26.77 18.92
N ARG A 175 1.82 -25.77 19.68
CA ARG A 175 2.38 -25.50 21.00
C ARG A 175 2.52 -26.78 21.82
N ALA A 176 1.44 -27.57 21.90
CA ALA A 176 1.49 -28.83 22.62
C ALA A 176 2.67 -29.68 22.16
N ASP A 177 2.76 -29.94 20.86
CA ASP A 177 3.83 -30.79 20.34
C ASP A 177 5.18 -30.10 20.42
N LEU A 178 5.22 -28.77 20.29
CA LEU A 178 6.50 -28.06 20.41
C LEU A 178 7.03 -28.11 21.83
N GLU A 179 6.15 -28.00 22.83
CA GLU A 179 6.57 -28.06 24.22
C GLU A 179 7.21 -29.41 24.53
N ILE A 180 6.56 -30.50 24.09
CA ILE A 180 7.16 -31.83 24.21
C ILE A 180 8.54 -31.84 23.57
N PHE A 181 8.61 -31.42 22.31
CA PHE A 181 9.87 -31.47 21.57
C PHE A 181 10.95 -30.67 22.29
N ALA A 182 10.59 -29.51 22.85
CA ALA A 182 11.58 -28.66 23.51
C ALA A 182 12.27 -29.41 24.65
N GLU A 183 11.51 -30.15 25.45
CA GLU A 183 12.07 -30.80 26.62
C GLU A 183 12.74 -32.12 26.27
N LYS A 184 12.29 -32.78 25.21
CA LYS A 184 12.93 -34.03 24.79
C LYS A 184 14.38 -33.80 24.39
N HIS A 185 14.70 -32.63 23.86
CA HIS A 185 16.03 -32.34 23.34
C HIS A 185 16.73 -31.24 24.13
N GLY A 186 16.18 -30.83 25.27
CA GLY A 186 16.91 -29.96 26.18
C GLY A 186 16.97 -28.52 25.74
N LEU A 187 16.00 -28.06 24.95
CA LEU A 187 15.99 -26.73 24.39
C LEU A 187 14.91 -25.89 25.08
N LYS A 188 15.18 -24.60 25.21
CA LYS A 188 14.15 -23.67 25.69
C LYS A 188 13.31 -23.18 24.52
N ILE A 189 12.11 -22.70 24.84
CA ILE A 189 11.08 -22.37 23.87
C ILE A 189 10.53 -21.00 24.21
N GLY A 190 10.01 -20.32 23.19
CA GLY A 190 9.71 -18.90 23.32
C GLY A 190 8.58 -18.48 22.40
N THR A 191 7.95 -17.37 22.80
CA THR A 191 6.91 -16.71 22.02
C THR A 191 7.47 -15.43 21.42
N ILE A 192 7.22 -15.22 20.12
CA ILE A 192 7.64 -13.97 19.48
C ILE A 192 6.97 -12.78 20.16
N ALA A 193 5.71 -12.94 20.56
CA ALA A 193 5.04 -11.90 21.34
C ALA A 193 5.77 -11.64 22.65
N ASP A 194 6.25 -12.70 23.31
CA ASP A 194 7.06 -12.51 24.52
C ASP A 194 8.34 -11.75 24.21
N LEU A 195 8.87 -11.87 22.99
CA LEU A 195 10.01 -11.08 22.58
C LEU A 195 9.61 -9.65 22.25
N ILE A 196 8.46 -9.46 21.59
CA ILE A 196 7.92 -8.12 21.40
C ILE A 196 7.91 -7.37 22.72
N HIS A 197 7.26 -7.96 23.73
CA HIS A 197 7.08 -7.26 25.00
C HIS A 197 8.40 -7.01 25.70
N TYR A 198 9.36 -7.93 25.55
CA TYR A 198 10.69 -7.70 26.12
C TYR A 198 11.32 -6.46 25.50
N ARG A 199 11.37 -6.39 24.17
CA ARG A 199 11.97 -5.23 23.51
C ARG A 199 11.29 -3.94 23.94
N MET A 200 9.97 -3.96 24.07
CA MET A 200 9.24 -2.76 24.49
C MET A 200 9.55 -2.38 25.93
N THR A 201 10.02 -3.32 26.75
CA THR A 201 10.23 -3.05 28.17
C THR A 201 11.67 -2.65 28.46
N ASN A 202 12.63 -3.07 27.64
CA ASN A 202 14.05 -2.89 27.93
C ASN A 202 14.76 -2.07 26.86
N GLU A 203 14.00 -1.37 26.01
CA GLU A 203 14.58 -0.51 24.98
C GLU A 203 13.71 0.74 24.84
N GLN A 204 14.37 1.88 24.64
CA GLN A 204 13.68 3.09 24.22
C GLN A 204 13.46 3.03 22.72
N THR A 205 12.27 2.56 22.33
CA THR A 205 11.97 2.32 20.94
C THR A 205 11.30 3.50 20.25
N VAL A 206 10.73 4.44 21.01
CA VAL A 206 9.94 5.52 20.46
C VAL A 206 10.61 6.84 20.80
N GLU A 207 10.61 7.77 19.84
CA GLU A 207 11.14 9.12 20.04
C GLU A 207 10.16 10.14 19.49
N ARG A 208 10.02 11.25 20.21
CA ARG A 208 9.18 12.36 19.80
C ARG A 208 9.88 13.20 18.73
N LEU A 209 9.06 13.91 17.96
CA LEU A 209 9.53 14.73 16.84
C LEU A 209 9.39 16.22 17.11
N ASP A 210 8.18 16.68 17.40
CA ASP A 210 7.93 18.11 17.56
C ASP A 210 6.62 18.28 18.31
N GLN A 211 6.53 19.37 19.08
CA GLN A 211 5.30 19.73 19.77
C GLN A 211 4.59 20.86 19.03
N ARG A 212 3.26 20.81 19.07
CA ARG A 212 2.42 21.76 18.37
C ARG A 212 1.20 22.04 19.23
N THR A 213 0.46 23.08 18.85
CA THR A 213 -0.86 23.36 19.42
C THR A 213 -1.89 23.38 18.31
N ILE A 214 -3.03 22.74 18.54
CA ILE A 214 -4.08 22.60 17.55
C ILE A 214 -5.38 23.09 18.16
N GLN A 215 -6.26 23.60 17.30
CA GLN A 215 -7.55 24.13 17.72
C GLN A 215 -8.65 23.22 17.18
N THR A 216 -9.42 22.63 18.08
CA THR A 216 -10.39 21.60 17.74
C THR A 216 -11.77 22.01 18.22
N GLU A 217 -12.79 21.33 17.69
CA GLU A 217 -14.15 21.52 18.17
C GLU A 217 -14.33 21.03 19.61
N TYR A 218 -13.48 20.13 20.08
CA TYR A 218 -13.46 19.80 21.51
C TYR A 218 -12.68 20.81 22.32
N GLY A 219 -11.70 21.46 21.71
CA GLY A 219 -10.90 22.45 22.40
C GLY A 219 -9.52 22.54 21.78
N SER A 220 -8.56 22.96 22.62
CA SER A 220 -7.17 23.08 22.21
C SER A 220 -6.38 21.89 22.75
N PHE A 221 -5.52 21.32 21.91
CA PHE A 221 -4.67 20.21 22.28
C PHE A 221 -3.22 20.56 21.99
N GLU A 222 -2.32 19.85 22.66
CA GLU A 222 -0.91 19.81 22.29
C GLU A 222 -0.63 18.55 21.48
N LEU A 223 -0.03 18.73 20.30
CA LEU A 223 0.28 17.63 19.39
C LEU A 223 1.72 17.19 19.63
N TYR A 224 1.89 15.97 20.14
CA TYR A 224 3.18 15.31 20.21
C TYR A 224 3.27 14.29 19.08
N ARG A 225 4.17 14.53 18.13
CA ARG A 225 4.48 13.58 17.07
C ARG A 225 5.63 12.68 17.48
N TYR A 226 5.42 11.36 17.42
CA TYR A 226 6.42 10.38 17.77
C TYR A 226 6.77 9.51 16.57
N ARG A 227 7.98 8.95 16.59
CA ARG A 227 8.39 7.93 15.63
C ARG A 227 9.07 6.78 16.37
N GLU A 228 8.78 5.56 15.92
CA GLU A 228 9.38 4.36 16.48
C GLU A 228 10.46 3.80 15.55
N ILE A 229 11.44 3.11 16.16
CA ILE A 229 12.48 2.46 15.39
C ILE A 229 11.85 1.65 14.27
N GLY A 230 12.43 1.77 13.07
CA GLY A 230 11.97 1.05 11.91
C GLY A 230 10.89 1.74 11.11
N ASN A 231 10.18 2.69 11.71
CA ASN A 231 9.45 3.71 10.98
C ASN A 231 8.59 3.10 9.88
N PRO A 232 7.53 2.36 10.23
CA PRO A 232 6.31 2.36 9.42
C PRO A 232 5.29 3.42 9.81
N ASP A 233 5.66 4.41 10.63
CA ASP A 233 4.71 5.06 11.52
C ASP A 233 5.09 6.52 11.65
N ILE A 234 4.08 7.36 11.89
CA ILE A 234 4.22 8.54 12.74
C ILE A 234 3.10 8.51 13.78
N HIS A 235 3.47 8.41 15.05
CA HIS A 235 2.51 8.30 16.14
C HIS A 235 2.24 9.67 16.75
N LEU A 236 1.01 9.86 17.21
CA LEU A 236 0.58 11.12 17.80
C LEU A 236 0.12 10.92 19.24
N ALA A 237 0.09 12.02 19.98
CA ALA A 237 -0.48 12.04 21.33
C ALA A 237 -1.13 13.39 21.55
N LEU A 238 -2.46 13.40 21.62
CA LEU A 238 -3.22 14.60 21.95
C LEU A 238 -3.34 14.72 23.47
N VAL A 239 -2.79 15.79 24.03
CA VAL A 239 -2.74 16.01 25.47
C VAL A 239 -3.57 17.23 25.81
N LYS A 240 -4.33 17.14 26.90
CA LYS A 240 -4.97 18.29 27.52
C LYS A 240 -4.58 18.33 28.99
N GLY A 241 -4.01 19.43 29.42
CA GLY A 241 -3.48 19.56 30.77
C GLY A 241 -2.00 19.27 30.85
N GLU A 242 -1.58 18.86 32.05
CA GLU A 242 -0.19 18.48 32.31
C GLU A 242 -0.19 17.12 32.99
N PRO A 243 -0.08 16.03 32.21
CA PRO A 243 -0.22 14.69 32.81
C PRO A 243 0.73 14.44 33.97
N LYS A 244 1.77 15.27 34.12
CA LYS A 244 2.71 15.09 35.21
C LYS A 244 2.17 15.60 36.54
N GLU A 245 1.01 16.25 36.54
CA GLU A 245 0.43 16.83 37.75
C GLU A 245 -0.59 15.90 38.42
N GLY A 246 -0.65 14.63 38.01
CA GLY A 246 -1.51 13.65 38.65
C GLY A 246 -2.11 12.67 37.66
N VAL A 247 -3.36 12.26 37.87
CA VAL A 247 -3.94 11.18 37.09
C VAL A 247 -4.29 11.72 35.70
N THR A 248 -4.08 10.88 34.69
CA THR A 248 -4.37 11.24 33.31
C THR A 248 -5.42 10.28 32.76
N THR A 249 -6.46 10.84 32.14
CA THR A 249 -7.46 10.04 31.44
C THR A 249 -6.95 9.70 30.04
N VAL A 250 -6.87 8.41 29.73
CA VAL A 250 -6.03 7.91 28.65
C VAL A 250 -6.87 7.04 27.73
N ARG A 251 -6.60 7.14 26.44
CA ARG A 251 -7.01 6.12 25.47
C ARG A 251 -5.89 5.92 24.47
N VAL A 252 -5.40 4.68 24.38
CA VAL A 252 -4.65 4.23 23.21
C VAL A 252 -5.62 3.78 22.13
N HIS A 253 -5.41 4.26 20.91
CA HIS A 253 -6.45 4.27 19.89
C HIS A 253 -5.89 3.71 18.58
N GLY A 254 -6.49 2.63 18.09
CA GLY A 254 -6.28 2.15 16.74
C GLY A 254 -7.54 2.28 15.89
N PHE A 255 -7.37 2.71 14.65
CA PHE A 255 -8.50 2.97 13.77
C PHE A 255 -9.34 1.70 13.58
N SER A 256 -10.64 1.90 13.34
CA SER A 256 -11.55 0.79 13.07
C SER A 256 -12.88 1.34 12.55
N PRO A 257 -13.82 0.48 12.15
CA PRO A 257 -15.02 0.99 11.46
C PRO A 257 -15.90 1.90 12.31
N VAL A 258 -15.60 2.07 13.60
CA VAL A 258 -16.56 2.66 14.52
C VAL A 258 -16.28 4.15 14.71
N ARG A 259 -15.67 4.77 13.69
CA ARG A 259 -15.49 6.21 13.71
C ARG A 259 -16.50 6.93 12.83
N ASP A 260 -16.65 6.48 11.59
CA ASP A 260 -17.55 7.17 10.67
C ASP A 260 -19.02 6.85 10.95
N LEU A 261 -19.32 5.62 11.37
CA LEU A 261 -20.70 5.17 11.46
C LEU A 261 -21.23 5.18 12.89
N LEU A 262 -20.63 4.38 13.77
CA LEU A 262 -20.85 4.53 15.21
C LEU A 262 -19.88 5.59 15.73
N LYS A 263 -19.75 5.70 17.05
CA LYS A 263 -19.07 6.85 17.67
C LYS A 263 -18.36 6.35 18.91
N LEU A 264 -17.07 6.05 18.78
CA LEU A 264 -16.19 5.81 19.92
C LEU A 264 -15.09 6.86 20.03
N ASN A 265 -14.33 7.10 18.96
CA ASN A 265 -13.22 8.05 19.03
C ASN A 265 -13.71 9.45 19.41
N LYS A 266 -14.79 9.90 18.79
CA LYS A 266 -15.37 11.19 19.18
C LYS A 266 -15.78 11.18 20.65
N ALA A 267 -16.53 10.15 21.06
CA ALA A 267 -16.89 9.97 22.45
C ALA A 267 -15.67 9.69 23.32
N ASP A 268 -14.49 9.67 22.70
CA ASP A 268 -13.23 9.77 23.42
C ASP A 268 -12.59 11.15 23.34
N GLY A 269 -12.80 11.87 22.23
CA GLY A 269 -12.38 13.26 22.17
C GLY A 269 -13.03 14.13 23.22
N GLU A 270 -14.27 13.82 23.61
CA GLU A 270 -14.97 14.69 24.53
C GLU A 270 -14.51 14.43 25.97
N PRO A 271 -14.40 13.16 26.39
CA PRO A 271 -13.92 12.91 27.75
C PRO A 271 -12.49 13.36 28.00
N ALA A 272 -11.81 13.89 26.99
CA ALA A 272 -10.55 14.60 27.19
C ALA A 272 -10.76 16.07 27.56
N TRP A 273 -11.92 16.43 28.08
CA TRP A 273 -12.11 17.71 28.76
C TRP A 273 -10.91 18.63 28.65
N VAL A 289 -4.82 11.92 27.89
CA VAL A 289 -4.05 11.75 26.66
C VAL A 289 -4.80 10.77 25.75
N LEU A 290 -5.03 11.18 24.51
CA LEU A 290 -5.34 10.24 23.43
C LEU A 290 -4.06 9.91 22.69
N VAL A 291 -3.72 8.62 22.64
CA VAL A 291 -2.65 8.15 21.80
C VAL A 291 -3.24 7.68 20.47
N TRP A 292 -2.38 7.69 19.44
CA TRP A 292 -2.78 7.25 18.11
C TRP A 292 -1.61 6.48 17.50
N ILE A 293 -1.86 5.23 17.13
CA ILE A 293 -0.83 4.40 16.50
C ILE A 293 -0.77 4.76 15.02
N GLY A 294 0.43 5.04 14.52
CA GLY A 294 0.63 5.11 13.09
C GLY A 294 0.45 3.75 12.44
N GLN A 295 -0.23 3.75 11.30
CA GLN A 295 -0.40 2.56 10.47
C GLN A 295 0.08 2.89 9.07
N ASP A 296 0.69 1.91 8.40
CA ASP A 296 1.14 2.14 7.03
C ASP A 296 -0.01 2.49 6.12
N HIS A 297 -1.19 1.93 6.41
CA HIS A 297 -2.43 2.31 5.75
C HIS A 297 -3.57 2.10 6.73
N LEU A 298 -4.61 2.91 6.58
CA LEU A 298 -5.84 2.72 7.35
C LEU A 298 -6.88 2.04 6.47
N GLN A 299 -7.44 0.93 6.96
CA GLN A 299 -8.41 0.18 6.19
C GLN A 299 -9.56 1.09 5.77
N ASP A 300 -10.05 0.88 4.56
CA ASP A 300 -11.19 1.64 4.08
C ASP A 300 -12.48 1.09 4.68
N LEU A 301 -13.53 1.91 4.60
CA LEU A 301 -14.76 1.56 5.31
C LEU A 301 -15.48 0.41 4.64
N GLY A 302 -15.35 0.26 3.32
CA GLY A 302 -16.05 -0.76 2.58
C GLY A 302 -15.56 -2.16 2.90
N PRO A 303 -14.25 -2.39 2.72
CA PRO A 303 -13.73 -3.76 2.72
C PRO A 303 -14.16 -4.56 3.95
N ALA A 304 -14.98 -5.58 3.71
CA ALA A 304 -15.49 -6.49 4.74
C ALA A 304 -16.55 -5.85 5.63
N LEU A 305 -16.82 -4.56 5.46
CA LEU A 305 -17.56 -3.79 6.46
C LEU A 305 -18.61 -2.92 5.80
N ALA A 318 -7.15 -12.38 18.54
CA ALA A 318 -5.96 -12.11 19.33
C ALA A 318 -5.04 -11.13 18.60
N ALA A 319 -4.26 -11.65 17.67
CA ALA A 319 -3.09 -10.95 17.15
C ALA A 319 -2.26 -10.36 18.29
N LEU A 320 -1.88 -11.25 19.21
CA LEU A 320 -1.25 -10.82 20.46
C LEU A 320 0.01 -10.03 20.19
N SER A 321 0.75 -10.37 19.14
CA SER A 321 1.87 -9.54 18.72
C SER A 321 1.42 -8.11 18.47
N HIS A 322 0.37 -7.94 17.65
CA HIS A 322 -0.12 -6.60 17.33
C HIS A 322 -0.61 -5.86 18.57
N GLN A 323 -0.99 -6.58 19.63
CA GLN A 323 -1.40 -5.92 20.86
C GLN A 323 -0.19 -5.38 21.63
N TYR A 324 0.83 -6.23 21.84
CA TYR A 324 2.02 -5.79 22.54
C TYR A 324 2.78 -4.72 21.74
N GLN A 325 2.72 -4.80 20.42
CA GLN A 325 3.17 -3.68 19.59
C GLN A 325 2.38 -2.42 19.95
N THR A 326 1.05 -2.52 20.00
CA THR A 326 0.22 -1.34 20.23
C THR A 326 0.55 -0.70 21.56
N ILE A 327 0.38 -1.45 22.65
CA ILE A 327 0.45 -0.85 23.98
C ILE A 327 1.89 -0.57 24.37
N GLY A 328 2.86 -1.21 23.72
CA GLY A 328 4.25 -0.85 23.94
C GLY A 328 4.60 0.51 23.36
N VAL A 329 4.12 0.79 22.14
CA VAL A 329 4.26 2.14 21.59
C VAL A 329 3.44 3.12 22.41
N GLY A 330 2.19 2.76 22.71
CA GLY A 330 1.36 3.64 23.52
C GLY A 330 1.90 3.87 24.91
N ALA A 331 2.66 2.90 25.45
CA ALA A 331 3.15 3.01 26.81
C ALA A 331 4.40 3.89 26.88
N GLN A 332 5.27 3.79 25.88
CA GLN A 332 6.45 4.64 25.85
C GLN A 332 6.08 6.09 25.59
N ILE A 333 5.00 6.33 24.85
CA ILE A 333 4.49 7.69 24.69
C ILE A 333 4.02 8.24 26.03
N LEU A 334 3.23 7.44 26.75
CA LEU A 334 2.63 7.93 27.99
C LEU A 334 3.67 8.16 29.08
N ARG A 335 4.71 7.33 29.12
CA ARG A 335 5.83 7.63 30.01
C ARG A 335 6.57 8.88 29.58
N ASP A 336 6.82 9.03 28.27
CA ASP A 336 7.50 10.22 27.78
C ASP A 336 6.72 11.48 28.11
N LEU A 337 5.39 11.39 28.15
CA LEU A 337 4.54 12.50 28.57
C LEU A 337 4.50 12.65 30.09
N GLY A 338 5.08 11.72 30.84
CA GLY A 338 5.09 11.82 32.28
C GLY A 338 3.86 11.26 32.96
N VAL A 339 3.19 10.30 32.34
CA VAL A 339 2.03 9.67 32.94
C VAL A 339 2.49 8.59 33.93
N GLU A 340 1.84 8.56 35.09
CA GLU A 340 2.18 7.62 36.15
C GLU A 340 0.97 6.90 36.73
N LYS A 341 -0.22 7.46 36.63
CA LYS A 341 -1.44 6.81 37.11
C LYS A 341 -2.59 7.20 36.20
N MET A 342 -3.32 6.21 35.72
CA MET A 342 -4.16 6.37 34.53
C MET A 342 -5.61 6.10 34.89
N LYS A 343 -6.50 6.73 34.12
CA LYS A 343 -7.91 6.35 34.06
C LYS A 343 -8.20 5.95 32.61
N LEU A 344 -8.20 4.64 32.35
CA LEU A 344 -8.27 4.14 30.98
C LEU A 344 -9.70 4.17 30.48
N LEU A 345 -9.87 4.65 29.26
CA LEU A 345 -11.15 4.57 28.56
C LEU A 345 -11.27 3.33 27.69
N SER A 346 -10.47 2.30 27.96
CA SER A 346 -10.51 1.06 27.21
C SER A 346 -11.29 0.00 27.98
N SER A 347 -11.80 -0.98 27.25
CA SER A 347 -12.18 -2.24 27.86
C SER A 347 -10.95 -2.98 28.36
N PRO A 348 -11.10 -3.80 29.40
CA PRO A 348 -9.91 -4.33 30.09
C PRO A 348 -8.99 -5.07 29.15
N LEU A 349 -7.69 -4.99 29.43
CA LEU A 349 -6.66 -5.47 28.53
C LEU A 349 -6.32 -6.93 28.89
N ARG A 350 -5.29 -7.47 28.25
CA ARG A 350 -4.66 -8.69 28.74
C ARG A 350 -4.13 -8.47 30.15
N PHE A 351 -4.13 -9.54 30.95
CA PHE A 351 -3.50 -9.48 32.25
C PHE A 351 -2.00 -9.23 32.11
N ASN A 352 -1.47 -8.41 33.01
CA ASN A 352 -0.07 -8.01 32.97
C ASN A 352 0.29 -7.36 31.63
N ALA A 353 -0.70 -6.79 30.96
CA ALA A 353 -0.45 -6.23 29.63
C ALA A 353 0.65 -5.18 29.66
N LEU A 354 0.73 -4.40 30.73
CA LEU A 354 1.58 -3.22 30.74
C LEU A 354 2.96 -3.50 31.33
N SER A 355 3.00 -3.78 32.63
CA SER A 355 3.95 -4.68 33.28
C SER A 355 5.38 -4.15 33.42
N GLY A 356 5.72 -3.05 32.75
CA GLY A 356 7.10 -2.65 32.68
C GLY A 356 7.27 -1.15 32.76
N PHE A 357 6.13 -0.48 32.88
CA PHE A 357 6.01 0.94 32.58
C PHE A 357 5.41 1.57 33.83
N ASN A 358 6.24 2.27 34.60
CA ASN A 358 5.71 3.35 35.41
C ASN A 358 4.65 2.87 36.39
N LEU A 359 5.06 2.34 37.55
CA LEU A 359 4.35 1.30 38.28
C LEU A 359 2.84 1.26 38.06
N GLU A 360 2.13 0.50 38.90
CA GLU A 360 0.89 -0.15 38.51
C GLU A 360 -0.15 0.90 38.17
N VAL A 361 -0.23 1.23 36.88
CA VAL A 361 -0.68 2.55 36.46
C VAL A 361 -2.19 2.71 36.50
N VAL A 362 -2.92 1.62 36.64
CA VAL A 362 -4.36 1.59 36.38
C VAL A 362 -5.06 1.33 37.71
N GLU A 363 -5.95 2.23 38.09
CA GLU A 363 -6.93 1.95 39.14
C GLU A 363 -8.36 1.95 38.62
N TYR A 364 -8.61 2.55 37.46
CA TYR A 364 -9.96 2.90 37.02
C TYR A 364 -9.96 2.72 35.51
N VAL A 365 -10.69 1.72 35.02
CA VAL A 365 -11.06 1.65 33.61
C VAL A 365 -12.49 2.16 33.48
N THR A 366 -12.69 3.09 32.54
CA THR A 366 -13.96 3.77 32.42
C THR A 366 -14.90 2.96 31.54
N ALA A 367 -16.18 3.30 31.60
CA ALA A 367 -17.22 2.41 31.14
C ALA A 367 -17.48 2.63 29.65
N ASP A 368 -18.48 1.92 29.14
CA ASP A 368 -18.86 1.97 27.73
C ASP A 368 -18.43 3.25 27.03
N SER B 4 -10.78 20.22 -29.38
CA SER B 4 -10.93 20.54 -27.97
C SER B 4 -12.05 19.72 -27.34
N ARG B 5 -12.68 18.86 -28.14
CA ARG B 5 -13.91 18.18 -27.74
C ARG B 5 -13.70 16.68 -27.83
N VAL B 6 -14.07 15.96 -26.77
CA VAL B 6 -13.64 14.58 -26.61
C VAL B 6 -14.09 13.74 -27.80
N GLU B 7 -15.30 14.02 -28.32
CA GLU B 7 -15.85 13.19 -29.39
C GLU B 7 -15.05 13.33 -30.68
N GLU B 8 -14.51 14.52 -30.94
CA GLU B 8 -13.63 14.69 -32.10
C GLU B 8 -12.30 13.96 -31.88
N LEU B 9 -11.75 14.05 -30.66
CA LEU B 9 -10.50 13.35 -30.37
C LEU B 9 -10.63 11.86 -30.68
N VAL B 10 -11.75 11.25 -30.32
CA VAL B 10 -11.98 9.84 -30.63
C VAL B 10 -12.04 9.63 -32.15
N ALA B 11 -12.60 10.59 -32.87
CA ALA B 11 -12.81 10.42 -34.30
C ALA B 11 -11.50 10.54 -35.07
N ASP B 12 -10.61 11.44 -34.64
CA ASP B 12 -9.31 11.56 -35.28
C ASP B 12 -8.48 10.31 -35.04
N ILE B 13 -8.58 9.73 -33.83
CA ILE B 13 -7.81 8.53 -33.52
C ILE B 13 -8.26 7.36 -34.38
N ARG B 14 -9.58 7.17 -34.53
CA ARG B 14 -10.08 6.17 -35.47
C ARG B 14 -9.59 6.47 -36.88
N ALA B 15 -9.54 7.75 -37.25
CA ALA B 15 -9.18 8.12 -38.61
C ALA B 15 -7.72 7.85 -38.92
N GLY B 16 -6.93 7.50 -37.91
CA GLY B 16 -5.51 7.28 -38.08
C GLY B 16 -4.66 8.53 -37.91
N LYS B 17 -5.25 9.63 -37.49
CA LYS B 17 -4.51 10.85 -37.24
C LYS B 17 -3.95 10.84 -35.82
N MET B 18 -3.21 11.88 -35.48
CA MET B 18 -2.73 12.08 -34.12
C MET B 18 -3.68 12.97 -33.34
N VAL B 19 -3.53 12.94 -32.02
CA VAL B 19 -4.23 13.85 -31.12
C VAL B 19 -3.29 14.18 -29.97
N ILE B 20 -3.35 15.43 -29.51
CA ILE B 20 -2.53 15.88 -28.39
C ILE B 20 -3.37 15.79 -27.12
N LEU B 21 -2.79 15.20 -26.07
CA LEU B 21 -3.50 14.96 -24.82
C LEU B 21 -2.73 15.61 -23.68
N MET B 22 -3.41 16.49 -22.94
CA MET B 22 -2.85 17.10 -21.75
C MET B 22 -3.43 16.43 -20.51
N ASP B 23 -2.58 16.26 -19.49
CA ASP B 23 -3.03 15.86 -18.17
C ASP B 23 -3.24 17.08 -17.29
N ASP B 24 -3.68 16.83 -16.04
CA ASP B 24 -3.92 17.91 -15.10
C ASP B 24 -2.67 18.78 -14.94
N GLU B 25 -2.87 20.10 -14.93
CA GLU B 25 -1.74 21.03 -14.84
C GLU B 25 -0.96 20.86 -13.54
N ASP B 26 -1.55 20.25 -12.52
CA ASP B 26 -0.85 19.95 -11.27
C ASP B 26 -0.46 18.49 -11.16
N ARG B 27 -0.63 17.72 -12.23
CA ARG B 27 0.12 16.52 -12.54
C ARG B 27 1.30 16.90 -13.43
N GLU B 28 1.89 15.90 -14.10
CA GLU B 28 3.05 16.11 -14.95
C GLU B 28 2.96 17.39 -15.77
N ASN B 29 1.75 17.74 -16.22
CA ASN B 29 1.52 19.01 -16.91
C ASN B 29 2.25 19.04 -18.26
N GLU B 30 2.01 18.00 -19.05
CA GLU B 30 2.69 17.81 -20.32
C GLU B 30 1.66 17.52 -21.39
N GLY B 31 2.05 17.75 -22.63
CA GLY B 31 1.26 17.38 -23.80
C GLY B 31 1.92 16.24 -24.55
N ASP B 32 1.12 15.23 -24.87
CA ASP B 32 1.57 14.06 -25.62
C ASP B 32 0.80 13.99 -26.93
N LEU B 33 1.52 13.87 -28.04
CA LEU B 33 0.94 13.29 -29.24
C LEU B 33 0.43 11.88 -28.96
N VAL B 34 -0.72 11.56 -29.53
CA VAL B 34 -1.40 10.28 -29.27
C VAL B 34 -2.00 9.79 -30.57
N ILE B 35 -1.62 8.58 -30.98
CA ILE B 35 -2.16 7.95 -32.18
C ILE B 35 -2.49 6.50 -31.86
N ALA B 36 -3.51 5.98 -32.54
CA ALA B 36 -3.86 4.57 -32.39
C ALA B 36 -2.70 3.69 -32.84
N ALA B 37 -2.19 2.89 -31.90
CA ALA B 37 -1.04 2.04 -32.21
C ALA B 37 -1.30 1.16 -33.43
N THR B 38 -2.56 0.80 -33.66
CA THR B 38 -2.88 -0.03 -34.82
C THR B 38 -2.72 0.74 -36.12
N HIS B 39 -2.90 2.06 -36.09
CA HIS B 39 -2.82 2.89 -37.27
C HIS B 39 -1.49 3.61 -37.40
N VAL B 40 -0.50 3.24 -36.58
CA VAL B 40 0.78 3.93 -36.58
C VAL B 40 1.56 3.57 -37.84
N ARG B 41 2.22 4.56 -38.42
CA ARG B 41 2.99 4.39 -39.65
C ARG B 41 4.38 4.96 -39.45
N PRO B 42 5.36 4.47 -40.22
CA PRO B 42 6.72 5.01 -40.10
C PRO B 42 6.74 6.53 -39.98
N GLU B 43 6.03 7.21 -40.87
CA GLU B 43 6.04 8.67 -40.87
C GLU B 43 5.39 9.25 -39.62
N ASP B 44 4.60 8.45 -38.89
CA ASP B 44 4.06 8.92 -37.62
C ASP B 44 5.14 8.94 -36.54
N ILE B 45 5.95 7.89 -36.47
CA ILE B 45 7.08 7.90 -35.55
C ILE B 45 8.04 9.03 -35.90
N ASN B 46 8.24 9.27 -37.19
CA ASN B 46 9.19 10.30 -37.62
C ASN B 46 8.70 11.69 -37.24
N PHE B 47 7.40 11.96 -37.40
CA PHE B 47 6.83 13.21 -36.90
C PHE B 47 7.02 13.33 -35.40
N MET B 48 6.91 12.21 -34.68
CA MET B 48 6.96 12.26 -33.22
C MET B 48 8.36 12.61 -32.74
N ILE B 49 9.37 11.88 -33.21
CA ILE B 49 10.74 12.14 -32.81
C ILE B 49 11.28 13.45 -33.35
N THR B 50 10.56 14.08 -34.29
CA THR B 50 11.01 15.32 -34.91
C THR B 50 10.41 16.56 -34.27
N HIS B 51 9.08 16.60 -34.14
CA HIS B 51 8.38 17.81 -33.71
C HIS B 51 7.81 17.69 -32.31
N ALA B 52 7.95 16.54 -31.66
CA ALA B 52 7.70 16.40 -30.23
C ALA B 52 8.95 16.07 -29.44
N ARG B 53 9.73 15.08 -29.90
CA ARG B 53 11.08 14.82 -29.39
C ARG B 53 11.07 14.39 -27.93
N GLY B 54 9.96 13.84 -27.45
CA GLY B 54 9.96 13.06 -26.24
C GLY B 54 10.26 11.60 -26.51
N LEU B 55 10.04 10.78 -25.50
CA LEU B 55 10.14 9.33 -25.65
C LEU B 55 8.90 8.81 -26.35
N VAL B 56 9.09 8.16 -27.49
CA VAL B 56 7.98 7.44 -28.12
C VAL B 56 7.69 6.19 -27.29
N CYS B 57 6.45 6.07 -26.82
CA CYS B 57 6.06 4.98 -25.95
C CYS B 57 4.77 4.38 -26.50
N LEU B 58 4.50 3.15 -26.07
CA LEU B 58 3.48 2.30 -26.67
C LEU B 58 2.58 1.80 -25.54
N THR B 59 1.44 2.46 -25.34
CA THR B 59 0.56 2.13 -24.23
C THR B 59 -0.15 0.80 -24.51
N LEU B 60 -0.07 -0.13 -23.57
CA LEU B 60 -0.69 -1.43 -23.69
C LEU B 60 -1.63 -1.66 -22.51
N SER B 61 -2.59 -2.55 -22.73
CA SER B 61 -3.40 -3.09 -21.65
C SER B 61 -2.63 -4.17 -20.90
N ARG B 62 -3.09 -4.44 -19.67
CA ARG B 62 -2.52 -5.53 -18.89
C ARG B 62 -2.75 -6.87 -19.56
N GLU B 63 -3.92 -7.07 -20.15
CA GLU B 63 -4.18 -8.28 -20.92
C GLU B 63 -3.15 -8.47 -22.02
N ARG B 64 -2.92 -7.42 -22.82
CA ARG B 64 -1.99 -7.55 -23.94
C ARG B 64 -0.57 -7.80 -23.46
N CYS B 65 -0.21 -7.24 -22.30
CA CYS B 65 1.11 -7.51 -21.73
C CYS B 65 1.23 -8.96 -21.29
N LYS B 66 0.19 -9.49 -20.64
CA LYS B 66 0.18 -10.91 -20.31
C LYS B 66 0.17 -11.76 -21.57
N GLN B 67 -0.67 -11.41 -22.56
CA GLN B 67 -0.62 -12.08 -23.85
C GLN B 67 0.77 -12.01 -24.45
N LEU B 68 1.46 -10.89 -24.25
CA LEU B 68 2.82 -10.73 -24.74
C LEU B 68 3.87 -11.28 -23.78
N ASN B 69 3.46 -11.79 -22.63
CA ASN B 69 4.39 -12.27 -21.61
C ASN B 69 5.41 -11.18 -21.24
N LEU B 70 4.88 -9.98 -20.97
CA LEU B 70 5.69 -8.77 -20.91
C LEU B 70 5.44 -8.07 -19.58
N PRO B 71 6.38 -8.17 -18.63
CA PRO B 71 6.12 -7.65 -17.28
C PRO B 71 6.63 -6.23 -17.08
N LEU B 72 6.35 -5.66 -15.91
CA LEU B 72 7.00 -4.43 -15.48
C LEU B 72 8.50 -4.67 -15.29
N MET B 73 9.31 -3.72 -15.76
CA MET B 73 10.75 -3.86 -15.66
C MET B 73 11.27 -3.50 -14.26
N VAL B 74 10.61 -2.57 -13.58
CA VAL B 74 10.86 -2.32 -12.16
C VAL B 74 9.52 -2.36 -11.42
N ASP B 75 9.53 -2.97 -10.24
CA ASP B 75 8.30 -3.14 -9.46
C ASP B 75 8.18 -2.14 -8.33
N GLN B 76 9.12 -2.17 -7.39
CA GLN B 76 9.16 -1.24 -6.26
C GLN B 76 10.39 -0.36 -6.38
N ASN B 77 10.23 0.93 -6.08
CA ASN B 77 11.24 1.93 -6.44
C ASN B 77 11.94 2.51 -5.23
N GLY B 78 11.22 3.16 -4.33
CA GLY B 78 11.85 3.84 -3.23
C GLY B 78 10.95 4.05 -2.04
N ALA B 79 11.33 5.04 -1.22
CA ALA B 79 10.46 5.61 -0.20
C ALA B 79 9.70 6.82 -0.74
N GLY B 82 8.77 9.58 -9.98
CA GLY B 82 7.35 9.63 -10.31
C GLY B 82 6.71 8.26 -10.31
N THR B 83 5.40 8.22 -10.53
CA THR B 83 4.66 6.98 -10.68
C THR B 83 4.37 6.76 -12.16
N ASN B 84 5.03 5.78 -12.75
CA ASN B 84 4.87 5.49 -14.18
C ASN B 84 5.34 4.07 -14.44
N PHE B 85 4.52 3.30 -15.16
CA PHE B 85 4.77 1.88 -15.40
C PHE B 85 5.36 1.73 -16.79
N THR B 86 6.67 1.96 -16.88
CA THR B 86 7.42 1.51 -18.03
C THR B 86 7.67 0.00 -17.94
N LEU B 87 7.89 -0.61 -19.10
CA LEU B 87 8.06 -2.05 -19.21
C LEU B 87 9.46 -2.35 -19.74
N SER B 88 9.79 -3.64 -19.75
CA SER B 88 10.90 -4.13 -20.54
C SER B 88 10.76 -3.65 -21.98
N ILE B 89 11.88 -3.19 -22.55
CA ILE B 89 11.85 -2.55 -23.86
C ILE B 89 11.51 -3.59 -24.91
N GLU B 90 10.95 -3.11 -26.03
CA GLU B 90 10.29 -3.96 -27.01
C GLU B 90 11.07 -3.92 -28.31
N ALA B 91 11.24 -5.09 -28.92
CA ALA B 91 11.75 -5.20 -30.28
C ALA B 91 11.05 -6.34 -31.00
N ALA B 92 10.84 -6.15 -32.30
CA ALA B 92 10.29 -7.19 -33.15
C ALA B 92 11.44 -7.98 -33.79
N GLU B 93 11.10 -8.81 -34.78
CA GLU B 93 12.06 -9.59 -35.54
C GLU B 93 11.79 -9.46 -37.03
N GLY B 94 11.61 -8.21 -37.47
CA GLY B 94 12.09 -7.79 -38.77
C GLY B 94 13.07 -6.64 -38.67
N ILE B 95 13.89 -6.67 -37.62
CA ILE B 95 14.58 -5.49 -37.12
C ILE B 95 16.07 -5.69 -37.32
N THR B 96 16.78 -4.61 -37.68
CA THR B 96 18.23 -4.64 -37.60
C THR B 96 18.77 -3.99 -36.32
N THR B 97 18.55 -2.70 -36.17
CA THR B 97 18.83 -1.98 -34.93
C THR B 97 17.57 -1.57 -34.18
N GLY B 98 16.50 -1.25 -34.90
CA GLY B 98 15.24 -0.94 -34.28
C GLY B 98 15.03 0.51 -33.91
N ILE B 99 15.97 1.40 -34.25
CA ILE B 99 15.86 2.81 -33.90
C ILE B 99 15.35 3.66 -35.06
N SER B 100 15.37 3.14 -36.28
CA SER B 100 14.77 3.86 -37.40
C SER B 100 13.27 3.99 -37.21
N ALA B 101 12.71 5.02 -37.84
CA ALA B 101 11.28 5.31 -37.69
C ALA B 101 10.44 4.12 -38.16
N ALA B 102 10.77 3.58 -39.34
CA ALA B 102 10.02 2.44 -39.85
C ALA B 102 10.14 1.24 -38.92
N GLU B 103 11.37 0.93 -38.49
CA GLU B 103 11.58 -0.25 -37.67
C GLU B 103 10.88 -0.11 -36.32
N ARG B 104 10.91 1.09 -35.73
CA ARG B 104 10.15 1.35 -34.52
C ARG B 104 8.65 1.12 -34.77
N ALA B 105 8.10 1.75 -35.81
CA ALA B 105 6.74 1.44 -36.22
C ALA B 105 6.52 -0.05 -36.33
N HIS B 106 7.45 -0.75 -37.00
CA HIS B 106 7.30 -2.19 -37.19
C HIS B 106 7.31 -2.92 -35.84
N THR B 107 8.13 -2.47 -34.90
CA THR B 107 8.12 -3.08 -33.57
C THR B 107 6.76 -2.93 -32.92
N ILE B 108 6.15 -1.74 -33.02
CA ILE B 108 4.79 -1.57 -32.52
C ILE B 108 3.84 -2.55 -33.20
N GLN B 109 3.96 -2.70 -34.52
CA GLN B 109 3.04 -3.57 -35.24
C GLN B 109 3.02 -4.97 -34.63
N ALA B 110 4.21 -5.51 -34.31
CA ALA B 110 4.27 -6.86 -33.75
C ALA B 110 3.56 -6.93 -32.42
N ALA B 111 3.70 -5.91 -31.58
CA ALA B 111 3.16 -5.96 -30.23
C ALA B 111 1.64 -5.92 -30.25
N VAL B 112 1.06 -5.10 -31.14
CA VAL B 112 -0.36 -4.81 -31.10
C VAL B 112 -1.13 -5.56 -32.18
N ALA B 113 -0.47 -6.43 -32.93
CA ALA B 113 -1.18 -7.41 -33.75
C ALA B 113 -2.22 -8.15 -32.91
N ALA B 114 -3.34 -8.47 -33.55
CA ALA B 114 -4.48 -9.02 -32.82
C ALA B 114 -4.07 -10.25 -32.02
N HIS B 115 -3.45 -11.22 -32.68
CA HIS B 115 -3.14 -12.51 -32.07
C HIS B 115 -1.65 -12.65 -31.78
N ALA B 116 -1.00 -11.55 -31.40
CA ALA B 116 0.45 -11.56 -31.20
C ALA B 116 0.83 -12.60 -30.15
N LYS B 117 2.01 -13.18 -30.34
CA LYS B 117 2.62 -14.08 -29.36
C LYS B 117 3.83 -13.42 -28.71
N PRO B 118 4.34 -14.00 -27.63
CA PRO B 118 5.59 -13.48 -27.04
C PRO B 118 6.78 -13.61 -27.97
N THR B 119 6.82 -14.64 -28.81
CA THR B 119 7.93 -14.85 -29.73
C THR B 119 7.84 -13.96 -30.97
N ASP B 120 6.70 -13.29 -31.19
CA ASP B 120 6.65 -12.18 -32.13
C ASP B 120 7.48 -10.98 -31.68
N ILE B 121 8.08 -11.02 -30.50
CA ILE B 121 8.66 -9.84 -29.87
C ILE B 121 9.77 -10.32 -28.94
N VAL B 122 10.73 -9.42 -28.67
CA VAL B 122 11.89 -9.74 -27.85
C VAL B 122 12.24 -8.51 -27.01
N GLN B 123 13.14 -8.72 -26.06
CA GLN B 123 13.60 -7.67 -25.17
C GLN B 123 15.11 -7.82 -24.99
N PRO B 124 15.84 -6.70 -24.90
CA PRO B 124 15.35 -5.32 -24.97
C PRO B 124 15.17 -4.85 -26.41
N GLY B 125 14.90 -3.56 -26.58
CA GLY B 125 14.63 -3.01 -27.89
C GLY B 125 14.75 -1.50 -27.93
N HIS B 126 13.84 -0.85 -28.66
CA HIS B 126 13.82 0.60 -28.70
C HIS B 126 12.42 1.19 -28.67
N ILE B 127 11.38 0.37 -28.46
CA ILE B 127 10.04 0.85 -28.14
C ILE B 127 9.74 0.50 -26.69
N PHE B 128 9.02 1.39 -26.00
CA PHE B 128 8.97 1.43 -24.55
C PHE B 128 7.54 1.26 -24.09
N PRO B 129 7.06 0.03 -23.93
CA PRO B 129 5.63 -0.18 -23.65
C PRO B 129 5.27 0.29 -22.25
N LEU B 130 4.02 0.71 -22.10
CA LEU B 130 3.52 1.20 -20.82
C LEU B 130 2.23 0.46 -20.49
N MET B 131 2.16 -0.08 -19.28
CA MET B 131 1.04 -0.90 -18.85
C MET B 131 0.02 -0.02 -18.12
N ALA B 132 -1.14 0.17 -18.74
CA ALA B 132 -2.22 0.90 -18.09
C ALA B 132 -2.77 0.08 -16.92
N GLN B 133 -3.36 0.78 -15.95
CA GLN B 133 -4.07 0.11 -14.88
C GLN B 133 -5.43 -0.36 -15.38
N PRO B 134 -6.01 -1.40 -14.76
CA PRO B 134 -7.15 -2.10 -15.38
C PRO B 134 -8.27 -1.16 -15.79
N GLY B 135 -8.77 -0.35 -14.85
CA GLY B 135 -9.86 0.55 -15.13
C GLY B 135 -9.52 1.78 -15.93
N GLY B 136 -8.25 1.92 -16.32
CA GLY B 136 -7.89 3.02 -17.20
C GLY B 136 -7.97 4.35 -16.49
N VAL B 137 -8.46 5.35 -17.22
CA VAL B 137 -8.39 6.74 -16.77
C VAL B 137 -9.40 6.98 -15.65
N LEU B 138 -10.15 5.95 -15.28
CA LEU B 138 -11.07 6.06 -14.15
C LEU B 138 -10.34 6.26 -12.83
N HIS B 139 -9.15 5.67 -12.71
CA HIS B 139 -8.44 5.62 -11.44
C HIS B 139 -7.08 6.31 -11.49
N ARG B 140 -6.22 5.93 -12.43
CA ARG B 140 -5.01 6.67 -12.71
C ARG B 140 -5.21 7.55 -13.94
N ALA B 141 -5.03 8.85 -13.76
CA ALA B 141 -5.19 9.83 -14.84
C ALA B 141 -3.84 10.14 -15.50
N GLY B 142 -3.17 9.09 -15.99
CA GLY B 142 -1.96 9.25 -16.74
C GLY B 142 -2.18 9.21 -18.24
N HIS B 143 -1.17 9.67 -18.99
CA HIS B 143 -1.19 9.51 -20.43
C HIS B 143 -1.24 8.05 -20.84
N THR B 144 -0.67 7.16 -20.02
CA THR B 144 -0.70 5.74 -20.33
C THR B 144 -2.15 5.25 -20.43
N GLU B 145 -2.93 5.42 -19.36
CA GLU B 145 -4.33 5.06 -19.41
C GLU B 145 -5.08 5.88 -20.46
N ALA B 146 -4.66 7.12 -20.69
CA ALA B 146 -5.43 8.00 -21.56
C ALA B 146 -5.27 7.59 -23.02
N GLY B 147 -4.05 7.22 -23.43
CA GLY B 147 -3.85 6.73 -24.78
C GLY B 147 -4.64 5.47 -25.07
N CYS B 148 -4.67 4.54 -24.12
CA CYS B 148 -5.40 3.29 -24.32
C CYS B 148 -6.89 3.55 -24.41
N ASP B 149 -7.46 4.20 -23.39
CA ASP B 149 -8.90 4.38 -23.33
C ASP B 149 -9.41 5.16 -24.54
N LEU B 150 -8.60 6.09 -25.05
CA LEU B 150 -8.98 6.81 -26.26
C LEU B 150 -9.08 5.85 -27.45
N ALA B 151 -8.06 5.01 -27.63
CA ALA B 151 -8.11 4.05 -28.73
C ALA B 151 -9.27 3.07 -28.58
N ARG B 152 -9.58 2.70 -27.33
CA ARG B 152 -10.73 1.82 -27.11
C ARG B 152 -12.01 2.46 -27.60
N LEU B 153 -12.16 3.78 -27.40
CA LEU B 153 -13.37 4.47 -27.83
C LEU B 153 -13.48 4.55 -29.35
N ALA B 154 -12.37 4.47 -30.07
CA ALA B 154 -12.38 4.34 -31.51
C ALA B 154 -12.71 2.94 -31.99
N GLY B 155 -13.10 2.04 -31.09
CA GLY B 155 -13.32 0.66 -31.48
C GLY B 155 -12.07 -0.10 -31.86
N LEU B 156 -10.90 0.41 -31.50
CA LEU B 156 -9.64 -0.20 -31.87
C LEU B 156 -9.07 -1.00 -30.71
N GLU B 157 -7.99 -1.74 -31.00
CA GLU B 157 -7.20 -2.33 -29.94
C GLU B 157 -6.85 -1.25 -28.91
N PRO B 158 -7.01 -1.53 -27.60
CA PRO B 158 -6.73 -0.48 -26.61
C PRO B 158 -5.25 -0.15 -26.53
N ALA B 159 -4.68 0.29 -27.65
CA ALA B 159 -3.25 0.51 -27.78
C ALA B 159 -3.01 1.82 -28.50
N SER B 160 -2.13 2.66 -27.94
CA SER B 160 -1.79 3.93 -28.55
C SER B 160 -0.28 4.15 -28.45
N VAL B 161 0.22 5.00 -29.34
CA VAL B 161 1.61 5.44 -29.31
C VAL B 161 1.66 6.91 -28.93
N ILE B 162 2.48 7.24 -27.94
CA ILE B 162 2.48 8.57 -27.35
C ILE B 162 3.91 9.07 -27.25
N CYS B 163 4.06 10.39 -27.34
CA CYS B 163 5.37 11.02 -27.29
C CYS B 163 5.22 12.41 -26.67
N GLU B 164 6.08 12.72 -25.70
CA GLU B 164 6.02 14.01 -25.04
C GLU B 164 6.41 15.12 -26.00
N ILE B 165 5.74 16.26 -25.87
CA ILE B 165 5.99 17.43 -26.71
C ILE B 165 6.91 18.37 -25.93
N ILE B 166 8.15 18.49 -26.38
CA ILE B 166 9.15 19.34 -25.76
C ILE B 166 9.34 20.56 -26.65
N LYS B 167 9.30 21.74 -26.04
CA LYS B 167 9.48 22.97 -26.81
C LYS B 167 10.81 22.94 -27.56
N GLU B 168 10.85 23.66 -28.68
CA GLU B 168 12.14 24.01 -29.28
C GLU B 168 13.11 24.54 -28.23
N ASP B 169 12.60 25.33 -27.29
CA ASP B 169 13.43 25.82 -26.19
C ASP B 169 14.16 24.71 -25.45
N GLY B 170 13.65 23.48 -25.52
CA GLY B 170 14.17 22.39 -24.73
C GLY B 170 13.39 22.11 -23.46
N THR B 171 12.44 22.96 -23.10
CA THR B 171 11.58 22.74 -21.95
C THR B 171 10.25 22.13 -22.41
N MET B 172 9.45 21.72 -21.43
CA MET B 172 8.21 21.00 -21.72
C MET B 172 7.12 21.98 -22.15
N ALA B 173 6.54 21.73 -23.32
CA ALA B 173 5.46 22.55 -23.81
C ALA B 173 4.28 22.51 -22.84
N ARG B 174 3.86 23.69 -22.38
CA ARG B 174 2.68 23.82 -21.55
C ARG B 174 1.48 24.22 -22.41
N ARG B 175 0.32 24.35 -21.76
CA ARG B 175 -0.93 24.50 -22.49
C ARG B 175 -0.80 25.56 -23.59
N ALA B 176 -0.28 26.73 -23.24
CA ALA B 176 -0.06 27.79 -24.23
C ALA B 176 0.68 27.26 -25.45
N ASP B 177 1.85 26.65 -25.22
CA ASP B 177 2.65 26.19 -26.34
C ASP B 177 2.00 25.03 -27.07
N LEU B 178 1.25 24.19 -26.35
CA LEU B 178 0.59 23.06 -26.99
C LEU B 178 -0.52 23.52 -27.92
N GLU B 179 -1.27 24.55 -27.52
CA GLU B 179 -2.35 25.05 -28.37
C GLU B 179 -1.81 25.57 -29.69
N ILE B 180 -0.75 26.38 -29.64
CA ILE B 180 -0.10 26.82 -30.87
C ILE B 180 0.32 25.62 -31.71
N PHE B 181 1.07 24.70 -31.10
CA PHE B 181 1.55 23.53 -31.83
C PHE B 181 0.40 22.73 -32.41
N ALA B 182 -0.70 22.60 -31.67
CA ALA B 182 -1.86 21.87 -32.15
C ALA B 182 -2.40 22.47 -33.44
N GLU B 183 -2.49 23.80 -33.50
CA GLU B 183 -3.06 24.46 -34.68
C GLU B 183 -2.03 24.60 -35.79
N LYS B 184 -0.75 24.67 -35.45
CA LYS B 184 0.30 24.73 -36.48
C LYS B 184 0.30 23.48 -37.34
N HIS B 185 -0.05 22.32 -36.78
CA HIS B 185 0.05 21.05 -37.48
C HIS B 185 -1.32 20.41 -37.72
N GLY B 186 -2.40 21.13 -37.46
CA GLY B 186 -3.73 20.62 -37.76
C GLY B 186 -4.22 19.58 -36.78
N LEU B 187 -3.73 19.59 -35.55
CA LEU B 187 -4.09 18.60 -34.55
C LEU B 187 -5.02 19.22 -33.52
N LYS B 188 -5.98 18.43 -33.06
CA LYS B 188 -6.83 18.82 -31.94
C LYS B 188 -6.25 18.35 -30.61
N ILE B 189 -6.76 18.94 -29.53
CA ILE B 189 -6.16 18.83 -28.21
C ILE B 189 -7.26 18.46 -27.21
N GLY B 190 -6.85 17.85 -26.12
CA GLY B 190 -7.80 17.38 -25.13
C GLY B 190 -7.17 17.36 -23.75
N THR B 191 -8.04 17.36 -22.74
CA THR B 191 -7.66 17.07 -21.37
C THR B 191 -8.11 15.67 -21.02
N ILE B 192 -7.21 14.87 -20.44
CA ILE B 192 -7.60 13.56 -19.96
C ILE B 192 -8.67 13.70 -18.87
N ALA B 193 -8.61 14.79 -18.10
CA ALA B 193 -9.72 15.13 -17.23
C ALA B 193 -11.02 15.32 -18.02
N ASP B 194 -10.93 15.94 -19.20
CA ASP B 194 -12.09 15.98 -20.08
C ASP B 194 -12.51 14.58 -20.52
N LEU B 195 -11.56 13.65 -20.57
CA LEU B 195 -11.89 12.26 -20.91
C LEU B 195 -12.54 11.54 -19.73
N ILE B 196 -12.05 11.79 -18.52
CA ILE B 196 -12.70 11.26 -17.32
C ILE B 196 -14.20 11.59 -17.35
N HIS B 197 -14.52 12.88 -17.45
CA HIS B 197 -15.92 13.30 -17.37
C HIS B 197 -16.74 12.77 -18.53
N TYR B 198 -16.13 12.63 -19.71
CA TYR B 198 -16.81 11.97 -20.82
C TYR B 198 -17.14 10.53 -20.47
N ARG B 199 -16.14 9.76 -20.03
CA ARG B 199 -16.37 8.36 -19.70
C ARG B 199 -17.43 8.23 -18.59
N MET B 200 -17.38 9.13 -17.60
CA MET B 200 -18.37 9.10 -16.53
C MET B 200 -19.76 9.45 -17.02
N THR B 201 -19.87 10.15 -18.16
CA THR B 201 -21.17 10.62 -18.65
C THR B 201 -21.80 9.67 -19.66
N ASN B 202 -21.00 8.86 -20.35
CA ASN B 202 -21.48 8.04 -21.46
C ASN B 202 -21.30 6.55 -21.21
N GLU B 203 -21.03 6.16 -19.96
CA GLU B 203 -20.76 4.78 -19.62
C GLU B 203 -21.37 4.45 -18.27
N GLN B 204 -21.90 3.24 -18.14
CA GLN B 204 -22.23 2.69 -16.82
C GLN B 204 -20.94 2.15 -16.21
N THR B 205 -20.30 2.98 -15.38
CA THR B 205 -19.00 2.64 -14.82
C THR B 205 -19.11 1.95 -13.47
N VAL B 206 -20.24 2.10 -12.78
CA VAL B 206 -20.43 1.60 -11.43
C VAL B 206 -21.57 0.59 -11.45
N GLU B 207 -21.44 -0.46 -10.66
CA GLU B 207 -22.46 -1.50 -10.55
C GLU B 207 -22.73 -1.75 -9.07
N ARG B 208 -24.00 -1.92 -8.74
CA ARG B 208 -24.39 -2.19 -7.36
C ARG B 208 -24.08 -3.64 -7.01
N LEU B 209 -23.81 -3.88 -5.72
CA LEU B 209 -23.40 -5.19 -5.27
C LEU B 209 -24.43 -5.85 -4.36
N ASP B 210 -24.78 -5.20 -3.25
CA ASP B 210 -25.71 -5.78 -2.30
C ASP B 210 -26.22 -4.67 -1.39
N GLN B 211 -27.47 -4.81 -0.95
CA GLN B 211 -28.07 -3.88 -0.01
C GLN B 211 -28.12 -4.47 1.39
N ARG B 212 -28.00 -3.60 2.39
CA ARG B 212 -27.96 -4.00 3.79
C ARG B 212 -28.73 -2.97 4.62
N THR B 213 -28.98 -3.32 5.87
CA THR B 213 -29.46 -2.38 6.88
C THR B 213 -28.49 -2.36 8.04
N ILE B 214 -28.12 -1.16 8.50
CA ILE B 214 -27.19 -0.99 9.60
C ILE B 214 -27.81 -0.08 10.64
N GLN B 215 -27.39 -0.26 11.89
CA GLN B 215 -27.87 0.52 13.02
C GLN B 215 -26.74 1.39 13.54
N THR B 216 -26.93 2.71 13.50
CA THR B 216 -25.93 3.67 13.91
C THR B 216 -26.49 4.59 14.99
N GLU B 217 -25.60 5.32 15.65
CA GLU B 217 -26.02 6.27 16.67
C GLU B 217 -26.87 7.39 16.10
N TYR B 218 -26.75 7.68 14.79
CA TYR B 218 -27.65 8.64 14.18
C TYR B 218 -29.01 8.03 13.85
N GLY B 219 -29.06 6.73 13.63
CA GLY B 219 -30.29 6.07 13.26
C GLY B 219 -30.00 4.83 12.45
N SER B 220 -30.97 4.46 11.61
CA SER B 220 -30.83 3.35 10.68
C SER B 220 -30.55 3.89 9.28
N PHE B 221 -29.61 3.25 8.60
CA PHE B 221 -29.31 3.56 7.20
C PHE B 221 -29.45 2.31 6.37
N GLU B 222 -29.65 2.51 5.06
CA GLU B 222 -29.48 1.45 4.07
C GLU B 222 -28.10 1.57 3.44
N LEU B 223 -27.37 0.46 3.42
CA LEU B 223 -26.08 0.38 2.74
C LEU B 223 -26.30 -0.14 1.33
N TYR B 224 -25.99 0.68 0.34
CA TYR B 224 -25.71 0.20 -1.01
C TYR B 224 -24.21 0.11 -1.18
N ARG B 225 -23.69 -1.10 -1.36
CA ARG B 225 -22.30 -1.32 -1.72
C ARG B 225 -22.16 -1.32 -3.23
N TYR B 226 -21.27 -0.47 -3.73
CA TYR B 226 -21.03 -0.36 -5.16
C TYR B 226 -19.59 -0.73 -5.47
N ARG B 227 -19.37 -1.18 -6.70
CA ARG B 227 -18.03 -1.41 -7.23
C ARG B 227 -17.93 -0.77 -8.60
N GLU B 228 -16.77 -0.19 -8.90
CA GLU B 228 -16.52 0.41 -10.20
C GLU B 228 -15.66 -0.52 -11.03
N ILE B 229 -15.92 -0.52 -12.35
CA ILE B 229 -15.11 -1.32 -13.27
C ILE B 229 -13.64 -1.02 -13.06
N GLY B 230 -12.82 -2.07 -13.10
CA GLY B 230 -11.38 -1.91 -13.09
C GLY B 230 -10.71 -1.99 -11.73
N ASN B 231 -11.47 -1.85 -10.65
CA ASN B 231 -10.88 -1.59 -9.34
C ASN B 231 -11.67 -2.32 -8.25
N PRO B 232 -11.00 -2.88 -7.25
CA PRO B 232 -11.70 -3.72 -6.27
C PRO B 232 -12.26 -2.94 -5.09
N ASP B 233 -12.31 -1.61 -5.22
CA ASP B 233 -12.72 -0.75 -4.14
C ASP B 233 -14.23 -0.70 -4.03
N ILE B 234 -14.71 -0.34 -2.84
CA ILE B 234 -16.11 -0.44 -2.49
C ILE B 234 -16.58 0.97 -2.15
N HIS B 235 -17.48 1.50 -2.96
CA HIS B 235 -18.14 2.77 -2.68
C HIS B 235 -19.48 2.52 -1.99
N LEU B 236 -19.84 3.42 -1.09
CA LEU B 236 -21.00 3.24 -0.22
C LEU B 236 -21.99 4.37 -0.45
N ALA B 237 -23.22 4.13 -0.03
CA ALA B 237 -24.26 5.15 -0.01
C ALA B 237 -25.14 4.90 1.22
N LEU B 238 -25.03 5.78 2.21
CA LEU B 238 -25.91 5.73 3.37
C LEU B 238 -27.18 6.51 3.04
N VAL B 239 -28.31 5.80 3.00
CA VAL B 239 -29.59 6.36 2.59
C VAL B 239 -30.55 6.30 3.77
N LYS B 240 -31.31 7.36 3.97
CA LYS B 240 -32.50 7.34 4.82
C LYS B 240 -33.67 7.89 4.02
N GLY B 241 -34.74 7.10 3.93
CA GLY B 241 -35.89 7.48 3.15
C GLY B 241 -35.88 6.89 1.76
N GLU B 242 -36.56 7.55 0.83
CA GLU B 242 -36.63 7.11 -0.57
C GLU B 242 -36.22 8.29 -1.45
N PRO B 243 -34.92 8.41 -1.78
CA PRO B 243 -34.44 9.66 -2.39
C PRO B 243 -35.21 10.08 -3.63
N LYS B 244 -35.99 9.13 -4.16
CA LYS B 244 -37.05 9.45 -5.13
C LYS B 244 -38.28 10.08 -4.47
N GLU B 245 -38.24 10.38 -3.18
CA GLU B 245 -39.38 10.95 -2.48
C GLU B 245 -39.44 12.47 -2.59
N GLY B 246 -38.59 13.06 -3.43
CA GLY B 246 -38.49 14.51 -3.47
C GLY B 246 -37.06 14.98 -3.61
N VAL B 247 -36.75 16.08 -2.92
CA VAL B 247 -35.38 16.53 -2.77
C VAL B 247 -34.65 15.64 -1.77
N THR B 248 -33.38 15.39 -2.05
CA THR B 248 -32.54 14.53 -1.21
C THR B 248 -31.38 15.34 -0.68
N THR B 249 -31.14 15.26 0.63
CA THR B 249 -29.98 15.89 1.24
C THR B 249 -28.75 15.01 1.04
N VAL B 250 -27.74 15.55 0.39
CA VAL B 250 -26.68 14.77 -0.22
C VAL B 250 -25.33 15.29 0.24
N ARG B 251 -24.40 14.37 0.47
CA ARG B 251 -22.98 14.70 0.50
C ARG B 251 -22.21 13.59 -0.21
N VAL B 252 -21.49 13.96 -1.27
CA VAL B 252 -20.41 13.11 -1.76
C VAL B 252 -19.16 13.37 -0.94
N HIS B 253 -18.54 12.30 -0.46
CA HIS B 253 -17.67 12.35 0.70
C HIS B 253 -16.39 11.59 0.39
N GLY B 254 -15.26 12.31 0.43
CA GLY B 254 -13.94 11.69 0.38
C GLY B 254 -13.23 11.89 1.71
N PHE B 255 -12.58 10.81 2.17
CA PHE B 255 -11.95 10.84 3.48
C PHE B 255 -10.90 11.94 3.57
N SER B 256 -10.67 12.38 4.78
CA SER B 256 -9.72 13.44 5.10
C SER B 256 -9.40 13.32 6.59
N PRO B 257 -8.15 12.99 6.96
CA PRO B 257 -7.94 12.37 8.29
C PRO B 257 -8.38 13.26 9.44
N VAL B 258 -8.78 14.49 9.15
CA VAL B 258 -9.31 15.38 10.17
C VAL B 258 -10.83 15.18 10.20
N ARG B 259 -11.25 14.05 10.74
CA ARG B 259 -12.36 13.89 11.68
C ARG B 259 -11.89 13.69 13.09
N ASP B 260 -10.81 12.92 13.26
CA ASP B 260 -10.35 12.60 14.60
C ASP B 260 -10.20 13.87 15.42
N LEU B 261 -9.86 14.98 14.77
CA LEU B 261 -9.80 16.24 15.49
C LEU B 261 -11.01 17.14 15.29
N LEU B 262 -11.22 17.62 14.06
CA LEU B 262 -12.40 18.41 13.77
C LEU B 262 -13.54 17.46 13.39
N LYS B 263 -14.66 18.01 12.89
CA LYS B 263 -15.88 17.23 12.76
C LYS B 263 -16.65 17.76 11.55
N LEU B 264 -16.47 17.11 10.40
CA LEU B 264 -17.29 17.35 9.22
C LEU B 264 -18.15 16.16 8.84
N ASN B 265 -17.56 14.96 8.71
CA ASN B 265 -18.36 13.77 8.47
C ASN B 265 -19.37 13.53 9.59
N LYS B 266 -18.94 13.71 10.84
CA LYS B 266 -19.89 13.62 11.96
C LYS B 266 -21.00 14.65 11.80
N ALA B 267 -20.62 15.92 11.60
CA ALA B 267 -21.59 16.97 11.31
C ALA B 267 -22.28 16.75 9.98
N ASP B 268 -21.92 15.68 9.26
CA ASP B 268 -22.63 15.28 8.07
C ASP B 268 -23.54 14.07 8.29
N GLY B 269 -23.17 13.16 9.19
CA GLY B 269 -24.05 12.05 9.51
C GLY B 269 -25.39 12.50 10.07
N GLU B 270 -25.41 13.60 10.80
CA GLU B 270 -26.63 14.03 11.48
C GLU B 270 -27.58 14.76 10.52
N PRO B 271 -27.09 15.71 9.70
CA PRO B 271 -27.99 16.36 8.74
C PRO B 271 -28.54 15.40 7.71
N ALA B 272 -28.17 14.13 7.81
CA ALA B 272 -28.94 13.10 7.12
C ALA B 272 -30.29 12.91 7.78
N TRP B 273 -30.36 13.24 9.07
CA TRP B 273 -31.47 12.86 9.94
C TRP B 273 -32.42 11.84 9.30
N VAL B 289 -28.64 11.35 1.14
CA VAL B 289 -27.70 10.28 0.85
C VAL B 289 -26.29 10.77 1.11
N LEU B 290 -25.54 10.01 1.91
CA LEU B 290 -24.09 10.17 2.02
C LEU B 290 -23.42 9.15 1.10
N VAL B 291 -22.60 9.63 0.17
CA VAL B 291 -21.75 8.77 -0.62
C VAL B 291 -20.39 8.66 0.05
N TRP B 292 -19.68 7.58 -0.26
CA TRP B 292 -18.31 7.37 0.21
C TRP B 292 -17.51 6.72 -0.90
N ILE B 293 -16.43 7.37 -1.31
CA ILE B 293 -15.55 6.83 -2.34
C ILE B 293 -14.59 5.83 -1.69
N GLY B 294 -14.54 4.62 -2.24
CA GLY B 294 -13.46 3.71 -1.89
C GLY B 294 -12.13 4.15 -2.49
N GLN B 295 -11.09 4.09 -1.67
CA GLN B 295 -9.72 4.12 -2.15
C GLN B 295 -8.91 2.99 -1.53
N ASP B 296 -7.90 2.53 -2.28
CA ASP B 296 -7.15 1.35 -1.87
C ASP B 296 -6.53 1.51 -0.49
N HIS B 297 -6.24 2.74 -0.08
CA HIS B 297 -5.77 3.01 1.27
C HIS B 297 -6.27 4.37 1.71
N LEU B 298 -6.54 4.50 3.01
CA LEU B 298 -6.91 5.76 3.63
C LEU B 298 -5.71 6.32 4.38
N GLN B 299 -5.37 7.58 4.10
CA GLN B 299 -4.22 8.21 4.73
C GLN B 299 -4.32 8.13 6.25
N ASP B 300 -3.19 7.90 6.91
CA ASP B 300 -3.08 7.93 8.35
C ASP B 300 -3.04 9.36 8.87
N LEU B 301 -3.28 9.51 10.17
CA LEU B 301 -3.55 10.83 10.73
C LEU B 301 -2.31 11.71 10.73
N GLY B 302 -1.13 11.09 10.84
CA GLY B 302 0.08 11.83 11.09
C GLY B 302 0.51 12.68 9.90
N PRO B 303 0.68 12.04 8.73
CA PRO B 303 1.49 12.66 7.67
C PRO B 303 1.07 14.09 7.36
N ALA B 304 1.94 15.04 7.70
CA ALA B 304 1.81 16.42 7.29
C ALA B 304 0.67 17.12 8.03
N LEU B 305 -0.10 16.36 8.80
CA LEU B 305 -1.28 16.89 9.46
C LEU B 305 -1.40 16.35 10.88
N ALA B 318 -6.11 21.53 -7.26
CA ALA B 318 -6.98 21.16 -8.38
C ALA B 318 -7.24 19.67 -8.36
N ALA B 319 -6.29 18.89 -8.89
CA ALA B 319 -6.49 17.46 -9.12
C ALA B 319 -7.83 17.21 -9.81
N LEU B 320 -8.03 17.89 -10.95
CA LEU B 320 -9.33 17.85 -11.61
C LEU B 320 -9.71 16.43 -11.99
N SER B 321 -8.72 15.61 -12.36
CA SER B 321 -8.99 14.20 -12.61
C SER B 321 -9.62 13.54 -11.38
N HIS B 322 -8.98 13.71 -10.21
CA HIS B 322 -9.53 13.15 -8.99
C HIS B 322 -10.88 13.75 -8.64
N GLN B 323 -11.19 14.94 -9.15
CA GLN B 323 -12.51 15.54 -8.92
C GLN B 323 -13.56 14.88 -9.80
N TYR B 324 -13.30 14.80 -11.11
CA TYR B 324 -14.27 14.17 -12.01
C TYR B 324 -14.37 12.67 -11.74
N GLN B 325 -13.29 12.04 -11.32
CA GLN B 325 -13.37 10.66 -10.82
C GLN B 325 -14.32 10.58 -9.64
N THR B 326 -14.13 11.43 -8.63
CA THR B 326 -14.92 11.35 -7.41
C THR B 326 -16.40 11.56 -7.71
N ILE B 327 -16.75 12.72 -8.27
CA ILE B 327 -18.15 13.07 -8.43
C ILE B 327 -18.80 12.27 -9.55
N GLY B 328 -18.01 11.69 -10.44
CA GLY B 328 -18.56 10.76 -11.41
C GLY B 328 -19.02 9.45 -10.78
N VAL B 329 -18.22 8.90 -9.87
CA VAL B 329 -18.67 7.77 -9.08
C VAL B 329 -19.84 8.17 -8.19
N GLY B 330 -19.70 9.32 -7.51
CA GLY B 330 -20.79 9.80 -6.67
C GLY B 330 -22.05 10.10 -7.44
N ALA B 331 -21.92 10.45 -8.72
CA ALA B 331 -23.08 10.81 -9.52
C ALA B 331 -23.81 9.57 -10.03
N GLN B 332 -23.06 8.53 -10.42
CA GLN B 332 -23.68 7.29 -10.84
C GLN B 332 -24.34 6.57 -9.67
N ILE B 333 -23.79 6.72 -8.45
CA ILE B 333 -24.44 6.15 -7.27
C ILE B 333 -25.79 6.82 -7.02
N LEU B 334 -25.81 8.16 -7.04
CA LEU B 334 -27.03 8.88 -6.71
C LEU B 334 -28.09 8.69 -7.78
N ARG B 335 -27.68 8.58 -9.05
CA ARG B 335 -28.64 8.29 -10.11
C ARG B 335 -29.24 6.89 -9.94
N ASP B 336 -28.40 5.89 -9.64
CA ASP B 336 -28.91 4.56 -9.39
C ASP B 336 -29.88 4.53 -8.22
N LEU B 337 -29.65 5.39 -7.22
CA LEU B 337 -30.57 5.48 -6.09
C LEU B 337 -31.82 6.29 -6.41
N GLY B 338 -31.90 6.90 -7.58
CA GLY B 338 -33.09 7.65 -7.95
C GLY B 338 -33.10 9.09 -7.51
N VAL B 339 -31.94 9.71 -7.33
CA VAL B 339 -31.87 11.10 -6.90
C VAL B 339 -32.11 12.00 -8.10
N GLU B 340 -32.94 13.03 -7.91
CA GLU B 340 -33.37 13.87 -9.02
C GLU B 340 -33.24 15.35 -8.68
N LYS B 341 -33.29 15.69 -7.39
CA LYS B 341 -33.06 17.06 -6.94
C LYS B 341 -32.47 17.03 -5.54
N MET B 342 -31.38 17.76 -5.36
CA MET B 342 -30.44 17.51 -4.28
C MET B 342 -30.34 18.73 -3.37
N LYS B 343 -30.03 18.48 -2.10
CA LYS B 343 -29.65 19.51 -1.14
C LYS B 343 -28.22 19.23 -0.69
N LEU B 344 -27.25 19.92 -1.30
CA LEU B 344 -25.86 19.53 -1.18
C LEU B 344 -25.29 20.01 0.14
N LEU B 345 -24.58 19.13 0.84
CA LEU B 345 -23.81 19.51 2.01
C LEU B 345 -22.35 19.80 1.67
N SER B 346 -22.02 20.06 0.41
CA SER B 346 -20.68 20.41 0.00
C SER B 346 -20.56 21.91 -0.24
N SER B 347 -19.31 22.40 -0.16
CA SER B 347 -18.97 23.67 -0.77
C SER B 347 -19.06 23.58 -2.29
N PRO B 348 -19.34 24.70 -2.96
CA PRO B 348 -19.68 24.63 -4.38
C PRO B 348 -18.59 23.96 -5.21
N LEU B 349 -19.01 23.29 -6.28
CA LEU B 349 -18.12 22.50 -7.10
C LEU B 349 -17.60 23.35 -8.26
N ARG B 350 -16.87 22.73 -9.18
CA ARG B 350 -16.68 23.30 -10.52
C ARG B 350 -18.03 23.47 -11.21
N PHE B 351 -18.11 24.48 -12.09
CA PHE B 351 -19.37 25.12 -12.41
C PHE B 351 -20.34 24.11 -13.04
N ASN B 352 -19.97 23.57 -14.19
CA ASN B 352 -20.80 22.61 -14.92
C ASN B 352 -20.42 21.16 -14.62
N ALA B 353 -19.83 20.92 -13.44
CA ALA B 353 -19.26 19.61 -13.15
C ALA B 353 -20.29 18.51 -13.28
N LEU B 354 -21.54 18.79 -12.91
CA LEU B 354 -22.59 17.77 -12.83
C LEU B 354 -23.40 17.66 -14.11
N SER B 355 -22.82 18.06 -15.24
CA SER B 355 -23.51 18.02 -16.52
C SER B 355 -23.36 16.64 -17.15
N GLY B 356 -24.45 16.13 -17.72
CA GLY B 356 -24.51 14.77 -18.22
C GLY B 356 -25.41 13.84 -17.45
N PHE B 357 -26.07 14.33 -16.40
CA PHE B 357 -26.84 13.49 -15.49
C PHE B 357 -28.28 14.02 -15.39
N ASN B 358 -29.02 13.52 -14.41
CA ASN B 358 -30.47 13.50 -14.46
C ASN B 358 -31.06 14.82 -14.94
N LEU B 359 -30.79 15.89 -14.21
CA LEU B 359 -31.13 17.25 -14.62
C LEU B 359 -30.15 18.19 -13.92
N GLU B 360 -30.46 19.48 -13.89
CA GLU B 360 -29.74 20.38 -13.00
C GLU B 360 -30.11 20.06 -11.55
N VAL B 361 -29.34 19.16 -10.93
CA VAL B 361 -29.81 18.45 -9.75
C VAL B 361 -29.69 19.31 -8.50
N VAL B 362 -29.05 20.47 -8.58
CA VAL B 362 -28.67 21.26 -7.43
C VAL B 362 -29.53 22.52 -7.42
N GLU B 363 -30.27 22.73 -6.33
CA GLU B 363 -30.92 24.01 -6.08
C GLU B 363 -30.43 24.74 -4.85
N TYR B 364 -29.81 24.06 -3.89
CA TYR B 364 -29.39 24.70 -2.65
C TYR B 364 -28.12 24.04 -2.13
N VAL B 365 -27.04 24.83 -2.08
CA VAL B 365 -25.74 24.42 -1.53
C VAL B 365 -25.62 24.94 -0.11
N THR B 366 -25.03 24.12 0.76
CA THR B 366 -25.13 24.30 2.20
C THR B 366 -24.14 25.36 2.69
N ALA B 367 -24.35 25.78 3.93
CA ALA B 367 -23.35 26.53 4.68
C ALA B 367 -22.45 25.59 5.47
N ASP B 368 -21.59 26.17 6.31
CA ASP B 368 -20.69 25.43 7.21
C ASP B 368 -21.14 24.00 7.50
#